data_6SGP
#
_entry.id   6SGP
#
_cell.length_a   101.349
_cell.length_b   130.394
_cell.length_c   158.538
_cell.angle_alpha   90.000
_cell.angle_beta   90.000
_cell.angle_gamma   90.000
#
_symmetry.space_group_name_H-M   'I 2 2 2'
#
loop_
_entity.id
_entity.type
_entity.pdbx_description
1 polymer 'Glutamate carboxypeptidase 2'
2 branched 2-acetamido-2-deoxy-beta-D-glucopyranose-(1-4)-2-acetamido-2-deoxy-beta-D-glucopyranose
3 branched alpha-D-mannopyranose-(1-3)-beta-D-mannopyranose-(1-4)-2-acetamido-2-deoxy-beta-D-glucopyranose-(1-4)-2-acetamido-2-deoxy-beta-D-glucopyranose
4 branched alpha-D-mannopyranose-(1-3)-[alpha-D-mannopyranose-(1-6)]beta-D-mannopyranose-(1-4)-2-acetamido-2-deoxy-beta-D-glucopyranose-(1-4)-2-acetamido-2-deoxy-beta-D-glucopyranose
5 non-polymer 2-acetamido-2-deoxy-beta-D-glucopyranose
6 non-polymer 'ZINC ION'
7 non-polymer 'CALCIUM ION'
8 non-polymer 'CHLORIDE ION'
9 non-polymer 'TRIETHYLENE GLYCOL'
10 non-polymer DI(HYDROXYETHYL)ETHER
11 non-polymer '(2~{S})-2-[[(2~{S})-1,5-bis(oxidanyl)-1,5-bis(oxidanylidene)pentan-2-yl]sulfamoylamino]pentanedioic acid'
12 non-polymer 'SODIUM ION'
13 water water
#
_entity_poly.entity_id   1
_entity_poly.type   'polypeptide(L)'
_entity_poly.pdbx_seq_one_letter_code
;KSSNEATNITPKHNMKAFLDELKAENIKKFLYNFTQIPHLAGTEQNFQLAKQIQSQWKEFGLDSVELAHYDVLLSYPNKT
HPNYISIINEDGNEIFNTSLFEPPPPGYENVSDIVPPFSAFSPQGMPEGDLVYVNYARTEDFFKLERDMKINCSGKIVIA
RYGKVFRGNKVKNAQLAGAKGVILYSDPADYFAPGVKSYPDGWNLPGGGVQRGNILNLNGAGDPLTPGYPANEYAYRRGI
AEAVGLPSIPVHPIGYYDAQKLLEKMGGSAPPDSSWRGSLKVPYNVGPGFTGNFSTQKVKMHIHSTNEVTRIYNVIGTLR
GAVEPDRYVILGGHRDSWVFGGIDPQSGAAVVHEIVRSFGTLKKEGWRPRRTILFASWDAMEFGLLGSTEWAEENSRLLQ
ERGVAYINADSSIEGNYTLRVDCTPLMYSLVHNLTKELKSPDEGFEGKSLYESWTKKSPSPEFSGMPRISKLGSGNDFEV
FFQRLGIASGRARYTKNWETNKFSGYPLYHSVYETYELVEKFYDPMFKYHLTVAQVRGGMVFELANSIVLPFDCRDYAVV
LRKYADKIYSISMKHPQEMKTYSVSFDSLFSAVKNFTEIASKFSERLQDFDKSNPIVLRMMNDQLMFLERAFIDPLGLPD
RPFYRHVIYAPSSHNKYAGESFPGIYDALFDIESKVDPSKAWGEVKRQIYVAAFTVQAAAETLSEVA
;
_entity_poly.pdbx_strand_id   A
#
# COMPACT_ATOMS: atom_id res chain seq x y z
N LYS A 12 -18.76 26.26 -19.04
CA LYS A 12 -19.26 25.77 -17.73
C LYS A 12 -18.08 25.23 -16.90
N HIS A 13 -18.19 25.37 -15.58
CA HIS A 13 -17.27 24.73 -14.66
C HIS A 13 -17.94 23.49 -14.08
N ASN A 14 -17.68 22.35 -14.70
CA ASN A 14 -18.23 21.08 -14.28
C ASN A 14 -17.10 20.06 -14.32
N MET A 15 -17.40 18.77 -14.11
N MET A 15 -17.40 18.77 -14.11
CA MET A 15 -16.33 17.78 -14.11
CA MET A 15 -16.32 17.79 -14.11
C MET A 15 -15.73 17.66 -15.51
C MET A 15 -15.72 17.65 -15.51
N LYS A 16 -16.56 17.80 -16.55
CA LYS A 16 -16.08 17.74 -17.95
C LYS A 16 -14.98 18.78 -18.18
N ALA A 17 -15.18 20.01 -17.71
CA ALA A 17 -14.19 21.09 -17.84
C ALA A 17 -12.90 20.69 -17.13
N PHE A 18 -13.02 20.12 -15.94
CA PHE A 18 -11.86 19.68 -15.19
C PHE A 18 -11.12 18.58 -15.97
N LEU A 19 -11.86 17.58 -16.44
CA LEU A 19 -11.26 16.40 -17.08
C LEU A 19 -10.62 16.79 -18.41
N ASP A 20 -11.25 17.70 -19.14
CA ASP A 20 -10.75 18.05 -20.50
C ASP A 20 -9.45 18.82 -20.43
N GLU A 21 -9.20 19.47 -19.29
CA GLU A 21 -8.04 20.32 -19.12
C GLU A 21 -6.78 19.47 -18.91
N LEU A 22 -6.95 18.25 -18.36
CA LEU A 22 -5.81 17.32 -18.13
C LEU A 22 -5.16 16.97 -19.49
N LYS A 23 -3.83 17.01 -19.58
CA LYS A 23 -3.15 16.66 -20.85
C LYS A 23 -2.05 15.63 -20.60
N ALA A 24 -2.03 14.60 -21.46
CA ALA A 24 -0.99 13.56 -21.50
C ALA A 24 0.39 14.21 -21.61
N GLU A 25 0.51 15.23 -22.45
CA GLU A 25 1.82 15.84 -22.72
C GLU A 25 2.39 16.53 -21.47
N ASN A 26 1.50 17.08 -20.63
CA ASN A 26 1.94 17.72 -19.39
C ASN A 26 2.44 16.68 -18.39
N ILE A 27 1.74 15.55 -18.29
CA ILE A 27 2.14 14.48 -17.38
C ILE A 27 3.55 14.00 -17.80
N LYS A 28 3.76 13.86 -19.12
CA LYS A 28 5.06 13.42 -19.66
C LYS A 28 6.16 14.41 -19.27
N LYS A 29 5.93 15.71 -19.47
CA LYS A 29 6.91 16.75 -19.11
C LYS A 29 7.21 16.71 -17.60
N PHE A 30 6.17 16.53 -16.79
CA PHE A 30 6.39 16.49 -15.34
C PHE A 30 7.20 15.24 -14.96
N LEU A 31 6.86 14.10 -15.57
CA LEU A 31 7.57 12.85 -15.25
C LEU A 31 9.05 13.00 -15.58
N TYR A 32 9.34 13.54 -16.78
CA TYR A 32 10.73 13.77 -17.14
C TYR A 32 11.41 14.68 -16.10
N ASN A 33 10.73 15.74 -15.71
CA ASN A 33 11.26 16.71 -14.77
C ASN A 33 11.57 16.08 -13.41
N PHE A 34 10.78 15.08 -12.98
CA PHE A 34 10.89 14.57 -11.60
C PHE A 34 11.83 13.37 -11.54
N THR A 35 12.46 12.95 -12.65
CA THR A 35 13.15 11.66 -12.65
C THR A 35 14.60 11.75 -13.17
N GLN A 36 15.15 12.96 -13.24
CA GLN A 36 16.53 13.14 -13.80
C GLN A 36 17.60 12.84 -12.76
N ILE A 37 17.28 13.02 -11.48
CA ILE A 37 18.24 12.78 -10.39
C ILE A 37 17.51 11.99 -9.31
N PRO A 38 18.26 11.31 -8.42
CA PRO A 38 17.62 10.56 -7.32
C PRO A 38 16.95 11.53 -6.32
N HIS A 39 15.82 11.11 -5.75
CA HIS A 39 15.14 11.90 -4.71
C HIS A 39 14.94 11.06 -3.43
N LEU A 40 16.03 10.55 -2.87
CA LEU A 40 15.98 9.69 -1.68
C LEU A 40 15.54 10.52 -0.47
N ALA A 41 14.64 9.95 0.34
CA ALA A 41 14.15 10.68 1.51
C ALA A 41 15.34 11.12 2.38
N GLY A 42 15.24 12.36 2.83
CA GLY A 42 16.18 12.94 3.77
C GLY A 42 17.39 13.55 3.09
N THR A 43 17.44 13.52 1.76
CA THR A 43 18.58 14.08 1.03
C THR A 43 18.27 15.50 0.55
N GLU A 44 19.32 16.28 0.24
CA GLU A 44 19.15 17.65 -0.24
C GLU A 44 18.32 17.68 -1.54
N GLN A 45 18.54 16.71 -2.43
N GLN A 45 18.55 16.73 -2.45
CA GLN A 45 17.87 16.68 -3.72
CA GLN A 45 17.85 16.73 -3.73
C GLN A 45 16.35 16.54 -3.53
C GLN A 45 16.33 16.62 -3.50
N ASN A 46 15.93 15.84 -2.48
CA ASN A 46 14.50 15.63 -2.26
C ASN A 46 13.89 16.88 -1.59
N PHE A 47 14.66 17.58 -0.78
CA PHE A 47 14.22 18.89 -0.24
C PHE A 47 14.07 19.88 -1.40
N GLN A 48 15.04 19.91 -2.32
CA GLN A 48 14.93 20.83 -3.45
C GLN A 48 13.67 20.56 -4.28
N LEU A 49 13.33 19.29 -4.49
CA LEU A 49 12.14 18.99 -5.28
C LEU A 49 10.89 19.42 -4.50
N ALA A 50 10.86 19.16 -3.19
CA ALA A 50 9.75 19.65 -2.36
C ALA A 50 9.53 21.16 -2.57
N LYS A 51 10.61 21.92 -2.52
CA LYS A 51 10.51 23.38 -2.68
C LYS A 51 10.01 23.72 -4.09
N GLN A 52 10.48 22.98 -5.09
CA GLN A 52 9.98 23.18 -6.46
C GLN A 52 8.47 22.94 -6.54
N ILE A 53 7.99 21.83 -5.96
CA ILE A 53 6.59 21.49 -6.05
C ILE A 53 5.77 22.55 -5.29
N GLN A 54 6.29 22.99 -4.16
CA GLN A 54 5.61 24.03 -3.36
C GLN A 54 5.41 25.28 -4.23
N SER A 55 6.48 25.70 -4.90
CA SER A 55 6.45 26.91 -5.74
C SER A 55 5.46 26.75 -6.90
N GLN A 56 5.50 25.60 -7.57
CA GLN A 56 4.63 25.32 -8.72
C GLN A 56 3.16 25.21 -8.30
N TRP A 57 2.87 24.53 -7.19
CA TRP A 57 1.48 24.46 -6.75
C TRP A 57 0.91 25.86 -6.46
N LYS A 58 1.73 26.76 -5.90
CA LYS A 58 1.33 28.17 -5.69
C LYS A 58 0.99 28.81 -7.05
N GLU A 59 1.92 28.69 -8.00
N GLU A 59 1.92 28.68 -8.00
CA GLU A 59 1.73 29.30 -9.34
CA GLU A 59 1.72 29.30 -9.32
C GLU A 59 0.49 28.69 -10.01
C GLU A 59 0.52 28.68 -10.03
N PHE A 60 0.25 27.40 -9.80
CA PHE A 60 -0.90 26.73 -10.40
C PHE A 60 -2.23 27.28 -9.83
N GLY A 61 -2.18 27.92 -8.67
CA GLY A 61 -3.35 28.68 -8.19
C GLY A 61 -3.91 28.21 -6.84
N LEU A 62 -3.26 27.28 -6.14
CA LEU A 62 -3.80 26.88 -4.79
C LEU A 62 -3.76 28.07 -3.82
N ASP A 63 -4.67 28.04 -2.84
CA ASP A 63 -4.77 29.12 -1.86
C ASP A 63 -3.59 29.22 -0.92
N SER A 64 -3.08 28.08 -0.45
CA SER A 64 -1.87 28.07 0.36
C SER A 64 -1.11 26.78 0.07
N VAL A 65 0.20 26.85 0.18
CA VAL A 65 1.04 25.67 -0.01
C VAL A 65 2.17 25.75 1.00
N GLU A 66 2.22 24.81 1.94
N GLU A 66 2.22 24.79 1.93
CA GLU A 66 3.24 24.88 2.99
CA GLU A 66 3.17 24.83 3.03
C GLU A 66 4.04 23.57 2.98
C GLU A 66 4.03 23.55 3.02
N LEU A 67 5.23 23.63 3.56
CA LEU A 67 6.01 22.43 3.87
C LEU A 67 5.72 22.08 5.33
N ALA A 68 5.41 20.82 5.59
CA ALA A 68 5.29 20.30 6.95
C ALA A 68 6.47 19.35 7.16
N HIS A 69 7.36 19.70 8.08
CA HIS A 69 8.56 18.88 8.25
C HIS A 69 8.51 18.15 9.60
N TYR A 70 9.22 17.03 9.65
CA TYR A 70 9.34 16.17 10.83
C TYR A 70 10.76 15.62 10.86
N ASP A 71 11.22 15.20 12.02
CA ASP A 71 12.54 14.57 12.15
C ASP A 71 12.33 13.14 12.58
N VAL A 72 12.58 12.21 11.64
CA VAL A 72 12.16 10.78 11.78
C VAL A 72 13.39 9.89 11.61
N LEU A 73 13.31 8.67 12.14
CA LEU A 73 14.41 7.70 11.95
C LEU A 73 14.43 7.21 10.49
N LEU A 74 15.57 7.45 9.81
CA LEU A 74 15.83 6.87 8.47
C LEU A 74 17.07 5.98 8.58
N SER A 75 17.48 5.39 7.45
CA SER A 75 18.52 4.35 7.43
C SER A 75 19.28 4.47 6.11
N TYR A 76 20.62 4.50 6.18
CA TYR A 76 21.42 4.65 4.97
C TYR A 76 22.68 3.77 5.08
N PRO A 77 23.14 3.28 3.94
CA PRO A 77 24.42 2.56 3.94
C PRO A 77 25.55 3.52 4.31
N ASN A 78 26.64 2.93 4.81
CA ASN A 78 27.88 3.68 5.06
C ASN A 78 28.64 3.79 3.73
N LYS A 79 28.84 5.02 3.27
CA LYS A 79 29.49 5.31 1.99
C LYS A 79 30.92 4.75 1.93
N THR A 80 31.61 4.68 3.07
CA THR A 80 33.01 4.25 3.06
C THR A 80 33.18 2.87 3.72
N HIS A 81 32.09 2.13 3.84
CA HIS A 81 32.12 0.82 4.47
C HIS A 81 30.96 -0.03 3.90
N PRO A 82 31.09 -0.44 2.63
CA PRO A 82 29.99 -1.00 1.81
C PRO A 82 29.43 -2.32 2.35
N ASN A 83 28.13 -2.51 2.17
CA ASN A 83 27.46 -3.75 2.52
C ASN A 83 27.72 -4.79 1.42
N TYR A 84 27.97 -6.03 1.83
CA TYR A 84 28.12 -7.12 0.84
C TYR A 84 28.05 -8.48 1.55
N ILE A 85 27.93 -9.53 0.76
CA ILE A 85 27.86 -10.89 1.27
C ILE A 85 29.02 -11.67 0.65
N SER A 86 29.59 -12.60 1.42
CA SER A 86 30.69 -13.45 0.96
C SER A 86 30.37 -14.93 1.16
N ILE A 87 30.93 -15.77 0.29
CA ILE A 87 31.22 -17.15 0.67
C ILE A 87 32.66 -17.17 1.19
N ILE A 88 32.85 -17.77 2.36
CA ILE A 88 34.19 -17.87 2.96
C ILE A 88 34.55 -19.36 3.11
N ASN A 89 35.83 -19.65 2.90
CA ASN A 89 36.36 -21.00 3.14
C ASN A 89 36.79 -21.12 4.60
N GLU A 90 37.31 -22.29 4.97
CA GLU A 90 37.65 -22.62 6.37
C GLU A 90 38.88 -21.84 6.84
N ASP A 91 39.60 -21.21 5.91
CA ASP A 91 40.70 -20.32 6.26
C ASP A 91 40.18 -18.91 6.55
N GLY A 92 38.96 -18.62 6.07
CA GLY A 92 38.38 -17.30 6.21
C GLY A 92 38.79 -16.39 5.07
N ASN A 93 39.13 -16.99 3.93
CA ASN A 93 39.27 -16.24 2.68
C ASN A 93 37.87 -16.06 2.08
N GLU A 94 37.59 -14.87 1.56
CA GLU A 94 36.32 -14.59 0.90
C GLU A 94 36.49 -14.85 -0.60
N ILE A 95 35.91 -15.96 -1.03
CA ILE A 95 36.18 -16.50 -2.36
C ILE A 95 35.10 -16.02 -3.35
N PHE A 96 33.98 -15.53 -2.82
CA PHE A 96 33.00 -14.87 -3.68
C PHE A 96 32.41 -13.68 -2.92
N ASN A 97 32.27 -12.54 -3.60
CA ASN A 97 31.63 -11.35 -3.01
C ASN A 97 30.49 -10.88 -3.91
N THR A 98 29.34 -10.54 -3.31
CA THR A 98 28.21 -9.97 -4.07
C THR A 98 28.56 -8.54 -4.51
N SER A 99 27.83 -8.01 -5.49
CA SER A 99 28.11 -6.69 -6.09
C SER A 99 27.97 -5.56 -5.05
N LEU A 100 28.71 -4.48 -5.27
CA LEU A 100 28.61 -3.32 -4.36
C LEU A 100 27.63 -2.29 -4.94
N PHE A 101 27.20 -2.47 -6.20
CA PHE A 101 26.23 -1.56 -6.82
C PHE A 101 25.61 -2.25 -8.04
N GLU A 102 24.45 -1.75 -8.47
CA GLU A 102 23.86 -2.18 -9.74
C GLU A 102 24.54 -1.43 -10.89
N PRO A 103 24.86 -2.14 -12.00
CA PRO A 103 25.40 -1.43 -13.15
C PRO A 103 24.44 -0.30 -13.56
N PRO A 104 24.90 0.95 -13.60
CA PRO A 104 23.96 2.03 -13.86
C PRO A 104 23.44 2.00 -15.31
N PRO A 105 22.18 2.43 -15.54
CA PRO A 105 21.65 2.37 -16.89
C PRO A 105 22.34 3.36 -17.85
N PRO A 106 22.19 3.13 -19.17
CA PRO A 106 22.83 3.97 -20.20
C PRO A 106 22.55 5.48 -20.01
N GLY A 107 23.62 6.27 -19.93
CA GLY A 107 23.47 7.70 -19.83
C GLY A 107 23.40 8.18 -18.38
N TYR A 108 23.34 7.25 -17.43
CA TYR A 108 23.31 7.59 -15.99
C TYR A 108 24.54 7.02 -15.26
N GLU A 109 25.53 6.55 -16.01
CA GLU A 109 26.70 5.96 -15.38
C GLU A 109 27.52 7.05 -14.65
N ASN A 110 27.19 8.32 -14.88
CA ASN A 110 27.89 9.43 -14.19
C ASN A 110 26.97 10.14 -13.19
N VAL A 111 25.76 9.61 -12.97
CA VAL A 111 24.89 10.24 -11.98
C VAL A 111 25.46 9.96 -10.58
N SER A 112 25.55 11.01 -9.77
N SER A 112 25.56 11.01 -9.77
CA SER A 112 26.05 10.88 -8.42
CA SER A 112 26.07 10.87 -8.41
C SER A 112 24.90 10.58 -7.45
C SER A 112 24.91 10.60 -7.44
N ASP A 113 25.26 10.09 -6.26
CA ASP A 113 24.31 9.86 -5.18
C ASP A 113 23.27 8.79 -5.46
N ILE A 114 23.58 7.80 -6.31
CA ILE A 114 22.71 6.61 -6.38
C ILE A 114 22.99 5.75 -5.16
N VAL A 115 22.00 5.57 -4.28
CA VAL A 115 22.19 4.73 -3.11
C VAL A 115 22.31 3.28 -3.57
N PRO A 116 23.36 2.56 -3.12
CA PRO A 116 23.49 1.16 -3.49
C PRO A 116 22.36 0.33 -2.87
N PRO A 117 22.08 -0.86 -3.42
CA PRO A 117 21.07 -1.73 -2.83
C PRO A 117 21.35 -2.02 -1.36
N PHE A 118 20.32 -1.88 -0.52
CA PHE A 118 20.40 -2.22 0.87
C PHE A 118 18.97 -2.44 1.38
N SER A 119 18.89 -3.09 2.55
CA SER A 119 17.61 -3.28 3.23
C SER A 119 17.51 -2.21 4.33
N ALA A 120 16.67 -1.19 4.13
CA ALA A 120 16.57 -0.09 5.09
C ALA A 120 16.12 -0.60 6.45
N PHE A 121 16.88 -0.19 7.48
CA PHE A 121 16.69 -0.44 8.93
C PHE A 121 17.35 -1.75 9.39
N SER A 122 18.07 -2.42 8.50
CA SER A 122 18.91 -3.56 8.96
C SER A 122 19.83 -3.09 10.10
N PRO A 123 19.95 -3.90 11.17
CA PRO A 123 21.04 -3.65 12.10
C PRO A 123 22.40 -3.99 11.47
N GLN A 124 23.46 -3.47 12.09
CA GLN A 124 24.82 -3.82 11.68
C GLN A 124 25.17 -5.22 12.20
N GLY A 125 26.09 -5.88 11.52
CA GLY A 125 26.57 -7.18 11.95
C GLY A 125 27.38 -7.85 10.84
N MET A 126 28.14 -8.88 11.23
CA MET A 126 28.87 -9.68 10.25
C MET A 126 28.67 -11.17 10.56
N PRO A 127 27.41 -11.64 10.62
CA PRO A 127 27.10 -13.04 10.93
C PRO A 127 27.68 -14.00 9.87
N GLU A 128 28.23 -15.12 10.34
CA GLU A 128 28.76 -16.19 9.47
C GLU A 128 28.01 -17.48 9.80
N GLY A 129 27.56 -18.22 8.79
CA GLY A 129 26.81 -19.44 9.06
C GLY A 129 26.51 -20.24 7.81
N ASP A 130 25.66 -21.25 7.99
CA ASP A 130 25.20 -22.08 6.90
C ASP A 130 23.85 -21.61 6.42
N LEU A 131 23.64 -21.70 5.11
CA LEU A 131 22.47 -21.18 4.44
C LEU A 131 21.32 -22.18 4.59
N VAL A 132 20.11 -21.66 4.80
CA VAL A 132 18.88 -22.43 4.59
C VAL A 132 18.02 -21.67 3.58
N TYR A 133 17.42 -22.39 2.64
CA TYR A 133 16.58 -21.75 1.63
C TYR A 133 15.12 -21.90 2.03
N VAL A 134 14.38 -20.78 2.09
CA VAL A 134 13.07 -20.76 2.76
C VAL A 134 11.98 -20.37 1.78
N ASN A 135 12.23 -20.53 0.48
CA ASN A 135 11.24 -20.18 -0.54
C ASN A 135 10.91 -18.68 -0.38
N TYR A 136 9.64 -18.33 -0.27
CA TYR A 136 9.23 -16.91 -0.17
C TYR A 136 9.24 -16.42 1.28
N ALA A 137 9.65 -17.25 2.24
CA ALA A 137 9.69 -16.93 3.66
C ALA A 137 8.30 -16.54 4.20
N ARG A 138 7.24 -17.13 3.62
CA ARG A 138 5.89 -16.90 4.11
C ARG A 138 5.64 -17.75 5.37
N THR A 139 4.55 -17.44 6.09
CA THR A 139 4.17 -18.23 7.24
C THR A 139 4.09 -19.72 6.85
N GLU A 140 3.44 -20.01 5.73
CA GLU A 140 3.24 -21.44 5.34
C GLU A 140 4.58 -22.07 4.94
N ASP A 141 5.52 -21.26 4.44
CA ASP A 141 6.85 -21.79 4.08
C ASP A 141 7.64 -22.25 5.32
N PHE A 142 7.53 -21.50 6.41
CA PHE A 142 8.21 -21.86 7.64
C PHE A 142 7.50 -23.03 8.32
N PHE A 143 6.16 -23.08 8.22
CA PHE A 143 5.37 -24.23 8.71
C PHE A 143 5.87 -25.53 8.05
N LYS A 144 6.11 -25.47 6.75
CA LYS A 144 6.57 -26.63 5.97
C LYS A 144 7.98 -27.04 6.41
N LEU A 145 8.87 -26.07 6.54
CA LEU A 145 10.25 -26.33 6.96
C LEU A 145 10.26 -27.01 8.32
N GLU A 146 9.54 -26.41 9.27
CA GLU A 146 9.67 -26.76 10.68
C GLU A 146 8.82 -28.00 10.98
N ARG A 147 7.58 -28.01 10.49
CA ARG A 147 6.60 -29.01 10.90
C ARG A 147 6.75 -30.26 10.05
N ASP A 148 6.84 -30.10 8.73
CA ASP A 148 6.86 -31.23 7.81
C ASP A 148 8.26 -31.77 7.51
N MET A 149 9.24 -30.88 7.31
CA MET A 149 10.56 -31.29 6.84
C MET A 149 11.52 -31.42 8.03
N LYS A 150 11.11 -30.89 9.17
CA LYS A 150 11.92 -30.95 10.41
C LYS A 150 13.26 -30.24 10.19
N ILE A 151 13.25 -29.13 9.46
CA ILE A 151 14.48 -28.34 9.31
C ILE A 151 14.45 -27.19 10.32
N ASN A 152 15.59 -26.96 10.95
CA ASN A 152 15.71 -26.01 12.05
C ASN A 152 16.56 -24.82 11.60
N CYS A 153 15.96 -23.62 11.60
CA CYS A 153 16.61 -22.42 11.07
C CYS A 153 17.43 -21.72 12.16
N SER A 154 17.35 -22.21 13.39
CA SER A 154 17.99 -21.55 14.53
C SER A 154 19.50 -21.43 14.29
N GLY A 155 19.98 -20.20 14.22
CA GLY A 155 21.40 -19.92 14.07
C GLY A 155 21.87 -20.05 12.62
N LYS A 156 20.93 -20.19 11.69
CA LYS A 156 21.26 -20.26 10.26
C LYS A 156 21.05 -18.89 9.61
N ILE A 157 21.69 -18.69 8.46
CA ILE A 157 21.37 -17.54 7.60
C ILE A 157 20.33 -18.02 6.59
N VAL A 158 19.18 -17.35 6.54
CA VAL A 158 18.16 -17.79 5.60
C VAL A 158 18.30 -16.99 4.31
N ILE A 159 18.09 -17.66 3.19
CA ILE A 159 17.97 -16.99 1.90
C ILE A 159 16.55 -17.19 1.41
N ALA A 160 15.93 -16.09 1.01
CA ALA A 160 14.55 -16.10 0.61
C ALA A 160 14.41 -15.30 -0.68
N ARG A 161 13.54 -15.76 -1.55
CA ARG A 161 13.23 -15.02 -2.74
C ARG A 161 12.11 -14.02 -2.44
N TYR A 162 12.27 -12.85 -3.03
CA TYR A 162 11.28 -11.81 -2.96
C TYR A 162 10.02 -12.33 -3.64
N GLY A 163 8.87 -11.77 -3.26
CA GLY A 163 7.60 -12.04 -3.94
C GLY A 163 6.55 -12.52 -2.95
N LYS A 164 5.29 -12.49 -3.40
CA LYS A 164 4.13 -13.06 -2.66
C LYS A 164 3.71 -12.15 -1.50
N VAL A 165 4.67 -11.78 -0.63
CA VAL A 165 4.32 -11.03 0.60
C VAL A 165 5.33 -9.91 0.82
N PHE A 166 4.94 -8.94 1.64
CA PHE A 166 5.83 -7.81 2.01
C PHE A 166 7.11 -8.36 2.68
N ARG A 167 8.25 -7.78 2.30
CA ARG A 167 9.58 -8.27 2.78
C ARG A 167 9.74 -8.13 4.31
N GLY A 168 9.06 -7.17 4.94
CA GLY A 168 9.12 -7.06 6.38
C GLY A 168 8.54 -8.30 7.06
N ASN A 169 7.47 -8.86 6.48
CA ASN A 169 6.86 -10.06 7.04
C ASN A 169 7.81 -11.25 6.89
N LYS A 170 8.53 -11.33 5.76
CA LYS A 170 9.58 -12.36 5.57
C LYS A 170 10.64 -12.28 6.68
N VAL A 171 11.09 -11.06 7.01
CA VAL A 171 12.16 -10.90 7.98
C VAL A 171 11.62 -11.22 9.38
N LYS A 172 10.38 -10.78 9.67
CA LYS A 172 9.75 -11.13 10.95
C LYS A 172 9.66 -12.65 11.08
N ASN A 173 9.25 -13.31 10.00
CA ASN A 173 9.06 -14.78 10.02
C ASN A 173 10.43 -15.45 10.21
N ALA A 174 11.43 -14.94 9.52
CA ALA A 174 12.79 -15.51 9.62
C ALA A 174 13.33 -15.35 11.05
N GLN A 175 13.09 -14.18 11.65
CA GLN A 175 13.54 -13.89 13.02
C GLN A 175 12.91 -14.87 14.01
N LEU A 176 11.61 -15.10 13.88
CA LEU A 176 10.90 -15.90 14.87
C LEU A 176 11.27 -17.39 14.70
N ALA A 177 11.75 -17.75 13.51
CA ALA A 177 12.33 -19.08 13.26
C ALA A 177 13.76 -19.18 13.82
N GLY A 178 14.29 -18.09 14.36
CA GLY A 178 15.63 -18.10 15.01
C GLY A 178 16.78 -17.87 14.04
N ALA A 179 16.49 -17.40 12.83
CA ALA A 179 17.55 -17.08 11.85
C ALA A 179 18.51 -16.04 12.43
N LYS A 180 19.77 -16.06 12.01
CA LYS A 180 20.69 -15.01 12.47
C LYS A 180 20.99 -14.00 11.35
N GLY A 181 20.35 -14.16 10.21
CA GLY A 181 20.52 -13.22 9.11
C GLY A 181 19.58 -13.58 7.96
N VAL A 182 19.27 -12.61 7.10
CA VAL A 182 18.40 -12.88 5.95
C VAL A 182 19.01 -12.28 4.68
N ILE A 183 19.07 -13.11 3.65
CA ILE A 183 19.45 -12.67 2.31
C ILE A 183 18.19 -12.74 1.43
N LEU A 184 17.84 -11.61 0.81
CA LEU A 184 16.70 -11.51 -0.06
C LEU A 184 17.21 -11.41 -1.49
N TYR A 185 16.55 -12.09 -2.43
CA TYR A 185 17.01 -12.01 -3.81
C TYR A 185 15.81 -12.04 -4.75
N SER A 186 16.00 -11.52 -5.96
CA SER A 186 14.98 -11.54 -6.99
C SER A 186 15.16 -12.76 -7.91
N ASP A 187 14.23 -13.72 -7.85
CA ASP A 187 14.31 -14.89 -8.73
C ASP A 187 13.67 -14.57 -10.06
N PRO A 188 14.31 -14.98 -11.18
CA PRO A 188 13.72 -14.71 -12.49
C PRO A 188 12.31 -15.30 -12.64
N ALA A 189 11.99 -16.34 -11.86
CA ALA A 189 10.63 -16.92 -11.91
C ALA A 189 9.59 -15.85 -11.53
N ASP A 190 10.02 -14.92 -10.69
CA ASP A 190 9.10 -13.89 -10.16
C ASP A 190 9.31 -12.50 -10.78
N TYR A 191 10.46 -12.25 -11.40
CA TYR A 191 10.82 -10.90 -11.84
C TYR A 191 11.37 -10.92 -13.28
N PHE A 192 11.11 -11.97 -14.02
CA PHE A 192 11.55 -12.01 -15.42
C PHE A 192 10.42 -12.62 -16.27
N ALA A 193 9.73 -11.77 -17.00
CA ALA A 193 8.64 -12.21 -17.87
C ALA A 193 9.22 -12.94 -19.08
N PRO A 194 8.77 -14.17 -19.34
CA PRO A 194 9.25 -14.91 -20.53
C PRO A 194 9.10 -14.11 -21.84
N GLY A 195 10.16 -14.11 -22.64
CA GLY A 195 10.09 -13.53 -23.98
C GLY A 195 10.27 -12.03 -24.02
N VAL A 196 10.62 -11.41 -22.89
CA VAL A 196 10.85 -9.97 -22.83
C VAL A 196 12.32 -9.74 -22.53
N LYS A 197 12.90 -8.70 -23.11
CA LYS A 197 14.33 -8.43 -22.90
C LYS A 197 14.54 -7.63 -21.61
N SER A 198 15.71 -7.84 -21.00
CA SER A 198 16.20 -7.09 -19.83
C SER A 198 16.39 -5.61 -20.17
N TYR A 199 16.28 -4.75 -19.15
CA TYR A 199 16.60 -3.34 -19.30
C TYR A 199 18.07 -3.22 -19.76
N PRO A 200 18.40 -2.36 -20.73
CA PRO A 200 17.57 -1.29 -21.32
C PRO A 200 16.79 -1.65 -22.61
N ASP A 201 16.80 -2.91 -22.99
CA ASP A 201 16.20 -3.31 -24.28
C ASP A 201 14.77 -3.78 -24.11
N GLY A 202 14.37 -4.00 -22.86
CA GLY A 202 13.00 -4.33 -22.51
C GLY A 202 12.72 -3.99 -21.06
N TRP A 203 11.63 -4.51 -20.49
CA TRP A 203 11.23 -4.07 -19.13
C TRP A 203 11.57 -5.13 -18.07
N ASN A 204 12.41 -6.11 -18.40
CA ASN A 204 12.76 -7.19 -17.46
C ASN A 204 13.94 -6.78 -16.56
N LEU A 205 14.04 -7.45 -15.41
CA LEU A 205 15.11 -7.25 -14.46
C LEU A 205 16.34 -7.99 -14.96
N PRO A 206 17.47 -7.28 -15.13
CA PRO A 206 18.74 -7.92 -15.44
C PRO A 206 19.34 -8.57 -14.19
N GLY A 207 20.32 -9.45 -14.37
CA GLY A 207 20.82 -10.28 -13.28
C GLY A 207 21.57 -9.48 -12.22
N GLY A 208 21.95 -8.26 -12.57
CA GLY A 208 22.65 -7.36 -11.67
C GLY A 208 21.67 -6.38 -11.00
N GLY A 209 20.40 -6.45 -11.40
CA GLY A 209 19.34 -5.61 -10.78
C GLY A 209 19.01 -6.06 -9.37
N VAL A 210 18.67 -5.12 -8.49
CA VAL A 210 18.35 -5.48 -7.10
C VAL A 210 17.18 -4.59 -6.64
N GLN A 211 16.27 -5.20 -5.90
CA GLN A 211 15.13 -4.51 -5.32
C GLN A 211 15.50 -3.99 -3.92
N ARG A 212 15.50 -2.67 -3.77
CA ARG A 212 15.64 -2.00 -2.45
C ARG A 212 14.31 -2.12 -1.70
N GLY A 213 14.34 -1.81 -0.40
CA GLY A 213 13.08 -1.61 0.35
C GLY A 213 13.28 -1.81 1.84
N ASN A 214 12.43 -1.14 2.63
CA ASN A 214 12.55 -1.25 4.07
C ASN A 214 11.99 -2.61 4.53
N ILE A 215 12.47 -3.04 5.69
CA ILE A 215 12.11 -4.35 6.27
C ILE A 215 11.52 -4.14 7.67
N LEU A 216 10.88 -3.00 7.89
CA LEU A 216 10.21 -2.71 9.17
C LEU A 216 8.94 -3.53 9.34
N ASN A 217 8.57 -3.71 10.61
CA ASN A 217 7.23 -4.19 10.97
C ASN A 217 6.55 -3.15 11.86
N LEU A 218 6.11 -2.04 11.26
CA LEU A 218 5.61 -0.91 12.05
C LEU A 218 4.17 -1.13 12.52
N ASN A 219 3.39 -1.92 11.80
CA ASN A 219 1.95 -2.11 12.11
C ASN A 219 1.23 -0.75 12.23
N GLY A 220 1.59 0.19 11.37
CA GLY A 220 0.86 1.46 11.30
C GLY A 220 1.44 2.55 12.19
N ALA A 221 2.56 2.31 12.89
CA ALA A 221 3.04 3.26 13.91
C ALA A 221 3.63 4.55 13.31
N GLY A 222 4.16 4.50 12.10
CA GLY A 222 4.91 5.66 11.56
C GLY A 222 6.35 5.69 12.07
N ASP A 223 6.88 6.89 12.32
CA ASP A 223 8.28 6.99 12.81
C ASP A 223 8.50 6.02 13.98
N PRO A 224 9.51 5.13 13.89
CA PRO A 224 9.75 4.17 14.94
C PRO A 224 9.95 4.78 16.34
N LEU A 225 10.38 6.04 16.39
CA LEU A 225 10.74 6.62 17.70
C LEU A 225 9.59 7.41 18.34
N THR A 226 8.50 7.68 17.60
CA THR A 226 7.47 8.58 18.19
C THR A 226 6.04 8.06 17.93
N PRO A 227 5.78 6.79 18.24
CA PRO A 227 4.44 6.23 17.94
C PRO A 227 3.33 7.00 18.68
N GLY A 228 2.30 7.45 17.92
CA GLY A 228 1.14 8.15 18.51
C GLY A 228 1.19 9.66 18.34
N TYR A 229 2.37 10.23 18.10
CA TYR A 229 2.55 11.71 18.18
C TYR A 229 3.50 12.16 17.07
N PRO A 230 3.31 13.37 16.56
CA PRO A 230 4.16 13.83 15.46
C PRO A 230 5.61 14.05 15.92
N ALA A 231 6.55 13.73 15.03
CA ALA A 231 7.98 13.88 15.33
C ALA A 231 8.39 15.34 15.09
N ASN A 232 7.84 16.22 15.90
CA ASN A 232 8.05 17.66 15.73
C ASN A 232 9.32 18.09 16.47
N GLU A 233 9.51 19.41 16.63
CA GLU A 233 10.76 19.95 17.17
C GLU A 233 10.95 19.55 18.65
N TYR A 234 9.86 19.38 19.40
CA TYR A 234 10.03 19.15 20.85
C TYR A 234 9.70 17.70 21.23
N ALA A 235 9.62 16.82 20.23
CA ALA A 235 9.20 15.44 20.46
C ALA A 235 10.16 14.74 21.42
N TYR A 236 9.59 13.91 22.30
CA TYR A 236 10.39 12.99 23.08
C TYR A 236 10.47 11.69 22.29
N ARG A 237 11.67 11.17 22.14
CA ARG A 237 11.85 10.01 21.32
C ARG A 237 12.22 8.81 22.20
N ARG A 238 11.69 7.65 21.82
CA ARG A 238 12.15 6.39 22.39
C ARG A 238 13.63 6.17 22.04
N GLY A 239 14.34 5.47 22.94
CA GLY A 239 15.64 4.91 22.60
C GLY A 239 15.49 3.84 21.53
N ILE A 240 16.55 3.58 20.78
CA ILE A 240 16.53 2.57 19.70
C ILE A 240 16.04 1.24 20.25
N ALA A 241 16.42 0.89 21.48
CA ALA A 241 16.07 -0.40 22.04
C ALA A 241 14.54 -0.56 22.17
N GLU A 242 13.83 0.56 22.32
CA GLU A 242 12.38 0.53 22.51
C GLU A 242 11.65 0.98 21.23
N ALA A 243 12.39 1.24 20.16
CA ALA A 243 11.78 1.71 18.88
C ALA A 243 10.78 0.69 18.36
N VAL A 244 9.82 1.15 17.56
CA VAL A 244 8.83 0.23 17.02
C VAL A 244 9.36 -0.35 15.71
N GLY A 245 9.34 -1.68 15.60
CA GLY A 245 9.32 -2.31 14.27
C GLY A 245 10.67 -2.67 13.70
N LEU A 246 11.76 -2.46 14.44
CA LEU A 246 13.11 -2.63 13.86
C LEU A 246 13.48 -4.12 13.84
N PRO A 247 14.16 -4.56 12.78
CA PRO A 247 14.60 -5.96 12.72
C PRO A 247 15.77 -6.20 13.68
N SER A 248 15.90 -7.43 14.18
CA SER A 248 16.96 -7.73 15.14
C SER A 248 18.12 -8.49 14.49
N ILE A 249 17.97 -8.85 13.22
CA ILE A 249 19.05 -9.60 12.51
C ILE A 249 19.39 -8.85 11.21
N PRO A 250 20.65 -8.95 10.76
CA PRO A 250 21.09 -8.28 9.53
C PRO A 250 20.38 -8.83 8.28
N VAL A 251 20.11 -7.93 7.32
CA VAL A 251 19.37 -8.26 6.11
C VAL A 251 19.98 -7.50 4.91
N HIS A 252 20.03 -8.15 3.76
CA HIS A 252 20.61 -7.53 2.55
C HIS A 252 19.98 -8.16 1.31
N PRO A 253 19.69 -7.34 0.29
CA PRO A 253 19.10 -7.82 -0.97
C PRO A 253 20.15 -7.96 -2.07
N ILE A 254 19.97 -8.97 -2.94
CA ILE A 254 20.88 -9.23 -4.07
C ILE A 254 20.07 -9.55 -5.34
N GLY A 255 20.75 -9.48 -6.49
CA GLY A 255 20.19 -9.90 -7.76
C GLY A 255 20.42 -11.38 -8.04
N TYR A 256 19.92 -11.85 -9.16
CA TYR A 256 19.91 -13.29 -9.41
C TYR A 256 21.26 -13.80 -9.91
N TYR A 257 22.12 -12.94 -10.47
CA TYR A 257 23.51 -13.40 -10.77
C TYR A 257 24.21 -13.80 -9.47
N ASP A 258 24.15 -12.93 -8.48
CA ASP A 258 24.72 -13.23 -7.17
C ASP A 258 24.02 -14.38 -6.44
N ALA A 259 22.70 -14.43 -6.57
CA ALA A 259 21.91 -15.47 -5.90
C ALA A 259 22.31 -16.85 -6.45
N GLN A 260 22.54 -16.91 -7.75
CA GLN A 260 22.99 -18.16 -8.40
C GLN A 260 24.25 -18.68 -7.69
N LYS A 261 25.20 -17.79 -7.42
CA LYS A 261 26.46 -18.18 -6.78
C LYS A 261 26.24 -18.68 -5.35
N LEU A 262 25.26 -18.12 -4.62
CA LEU A 262 25.03 -18.56 -3.23
C LEU A 262 24.22 -19.86 -3.20
N LEU A 263 23.36 -20.10 -4.20
CA LEU A 263 22.43 -21.22 -4.15
C LEU A 263 23.05 -22.48 -4.77
N GLU A 264 24.00 -22.31 -5.69
CA GLU A 264 24.40 -23.43 -6.56
C GLU A 264 25.01 -24.59 -5.75
N LYS A 265 25.58 -24.28 -4.58
CA LYS A 265 26.31 -25.27 -3.79
C LYS A 265 25.42 -25.87 -2.71
N MET A 266 24.14 -25.52 -2.68
CA MET A 266 23.27 -25.88 -1.54
C MET A 266 23.02 -27.39 -1.49
N GLY A 267 23.20 -27.95 -0.30
CA GLY A 267 23.00 -29.38 -0.02
C GLY A 267 21.78 -29.63 0.86
N GLY A 268 21.91 -30.62 1.76
CA GLY A 268 20.81 -31.02 2.64
C GLY A 268 19.60 -31.50 1.87
N SER A 269 18.40 -31.26 2.42
CA SER A 269 17.15 -31.78 1.87
C SER A 269 16.86 -31.15 0.50
N ALA A 270 16.16 -31.90 -0.33
CA ALA A 270 15.65 -31.42 -1.62
C ALA A 270 14.46 -30.49 -1.38
N PRO A 271 14.13 -29.63 -2.36
CA PRO A 271 12.89 -28.84 -2.27
C PRO A 271 11.70 -29.80 -2.08
N PRO A 272 10.70 -29.42 -1.27
CA PRO A 272 9.60 -30.35 -0.96
C PRO A 272 8.64 -30.58 -2.14
N ASP A 273 8.63 -29.63 -3.07
CA ASP A 273 7.83 -29.75 -4.28
C ASP A 273 8.19 -28.62 -5.25
N SER A 274 7.49 -28.55 -6.37
CA SER A 274 7.87 -27.66 -7.47
C SER A 274 7.55 -26.19 -7.17
N SER A 275 6.68 -25.92 -6.20
CA SER A 275 6.32 -24.52 -5.85
C SER A 275 7.47 -23.85 -5.09
N TRP A 276 8.53 -24.62 -4.81
CA TRP A 276 9.69 -24.15 -4.06
C TRP A 276 10.87 -23.91 -5.01
N ARG A 277 10.71 -24.19 -6.31
CA ARG A 277 11.80 -24.05 -7.27
C ARG A 277 11.56 -22.81 -8.15
N GLY A 278 12.54 -21.91 -8.19
CA GLY A 278 12.53 -20.81 -9.14
C GLY A 278 13.09 -21.24 -10.49
N SER A 279 13.62 -20.29 -11.25
CA SER A 279 13.99 -20.52 -12.65
C SER A 279 15.51 -20.57 -12.84
N LEU A 280 16.28 -20.44 -11.77
CA LEU A 280 17.74 -20.50 -11.90
C LEU A 280 18.16 -21.97 -12.09
N LYS A 281 19.32 -22.16 -12.70
CA LYS A 281 19.85 -23.50 -12.94
C LYS A 281 20.55 -24.01 -11.68
N VAL A 282 19.74 -24.26 -10.65
CA VAL A 282 20.21 -24.76 -9.38
C VAL A 282 19.17 -25.75 -8.87
N PRO A 283 19.52 -26.60 -7.90
CA PRO A 283 18.54 -27.59 -7.43
C PRO A 283 17.43 -26.97 -6.56
N TYR A 284 17.73 -25.86 -5.89
CA TYR A 284 16.81 -25.27 -4.88
C TYR A 284 16.74 -26.18 -3.65
N ASN A 285 17.89 -26.76 -3.29
CA ASN A 285 18.01 -27.54 -2.07
C ASN A 285 17.77 -26.61 -0.88
N VAL A 286 17.09 -27.12 0.14
CA VAL A 286 16.73 -26.29 1.28
C VAL A 286 17.92 -26.18 2.22
N GLY A 287 18.90 -27.07 2.09
CA GLY A 287 20.00 -27.10 3.07
C GLY A 287 19.59 -27.90 4.29
N PRO A 288 20.15 -27.59 5.46
CA PRO A 288 21.08 -26.47 5.63
C PRO A 288 22.47 -26.76 5.05
N GLY A 289 23.19 -25.70 4.69
CA GLY A 289 24.60 -25.82 4.30
C GLY A 289 24.79 -26.27 2.87
N PHE A 290 26.05 -26.37 2.47
CA PHE A 290 26.47 -26.70 1.11
C PHE A 290 26.69 -28.22 0.96
N THR A 291 26.79 -28.70 -0.28
CA THR A 291 27.08 -30.13 -0.57
C THR A 291 28.47 -30.52 -0.02
N GLY A 292 28.71 -31.82 0.06
CA GLY A 292 29.86 -32.42 0.76
C GLY A 292 31.20 -31.78 0.45
N ASN A 293 31.44 -31.48 -0.82
CA ASN A 293 32.73 -30.93 -1.25
C ASN A 293 32.96 -29.53 -0.66
N PHE A 294 31.86 -28.78 -0.49
CA PHE A 294 31.94 -27.38 -0.06
C PHE A 294 31.41 -27.22 1.37
N SER A 295 31.26 -28.34 2.06
CA SER A 295 30.56 -28.43 3.34
C SER A 295 31.25 -27.55 4.40
N THR A 296 32.49 -27.15 4.16
CA THR A 296 33.27 -26.42 5.16
C THR A 296 33.28 -24.91 4.83
N GLN A 297 32.74 -24.54 3.68
CA GLN A 297 32.58 -23.13 3.35
C GLN A 297 31.29 -22.61 4.01
N LYS A 298 31.29 -21.33 4.39
CA LYS A 298 30.11 -20.72 5.05
C LYS A 298 29.78 -19.38 4.37
N VAL A 299 28.61 -18.83 4.70
CA VAL A 299 28.18 -17.52 4.16
C VAL A 299 28.38 -16.48 5.26
N LYS A 300 28.88 -15.31 4.86
CA LYS A 300 29.16 -14.23 5.77
C LYS A 300 28.55 -12.93 5.22
N MET A 301 27.72 -12.29 6.02
CA MET A 301 27.15 -11.00 5.64
C MET A 301 28.03 -9.89 6.23
N HIS A 302 28.10 -8.75 5.58
CA HIS A 302 28.76 -7.59 6.16
C HIS A 302 27.82 -6.38 6.04
N ILE A 303 27.16 -6.02 7.13
CA ILE A 303 26.18 -4.92 7.09
C ILE A 303 26.63 -3.80 8.04
N HIS A 304 26.72 -2.58 7.50
CA HIS A 304 27.26 -1.42 8.22
C HIS A 304 26.38 -0.18 8.08
N SER A 305 25.14 -0.37 7.62
CA SER A 305 24.17 0.73 7.50
C SER A 305 23.90 1.33 8.88
N THR A 306 23.53 2.63 8.91
CA THR A 306 23.25 3.28 10.20
C THR A 306 21.85 3.91 10.17
N ASN A 307 21.18 3.85 11.31
CA ASN A 307 19.89 4.51 11.50
C ASN A 307 20.18 5.95 11.97
N GLU A 308 19.52 6.93 11.38
CA GLU A 308 19.79 8.32 11.76
C GLU A 308 18.49 9.13 11.70
N VAL A 309 18.26 9.91 12.75
CA VAL A 309 17.14 10.85 12.74
C VAL A 309 17.44 11.95 11.72
N THR A 310 16.52 12.15 10.77
CA THR A 310 16.72 12.98 9.61
C THR A 310 15.44 13.76 9.30
N ARG A 311 15.59 14.98 8.78
CA ARG A 311 14.42 15.82 8.50
C ARG A 311 13.80 15.43 7.15
N ILE A 312 12.48 15.37 7.14
CA ILE A 312 11.69 15.04 5.94
C ILE A 312 10.67 16.17 5.75
N TYR A 313 10.15 16.29 4.54
CA TYR A 313 9.32 17.42 4.17
C TYR A 313 8.13 16.97 3.34
N ASN A 314 6.92 17.19 3.85
CA ASN A 314 5.69 17.00 3.08
C ASN A 314 5.27 18.33 2.47
N VAL A 315 4.77 18.30 1.24
CA VAL A 315 4.15 19.53 0.68
C VAL A 315 2.64 19.37 0.84
N ILE A 316 1.98 20.37 1.44
CA ILE A 316 0.53 20.35 1.67
C ILE A 316 -0.07 21.59 0.98
N GLY A 317 -0.84 21.35 -0.05
CA GLY A 317 -1.56 22.42 -0.76
C GLY A 317 -3.04 22.42 -0.40
N THR A 318 -3.63 23.61 -0.29
CA THR A 318 -5.06 23.72 0.06
C THR A 318 -5.80 24.48 -1.04
N LEU A 319 -6.92 23.93 -1.47
CA LEU A 319 -7.90 24.65 -2.31
C LEU A 319 -9.19 24.77 -1.49
N ARG A 320 -9.40 25.94 -0.90
CA ARG A 320 -10.51 26.14 0.08
C ARG A 320 -11.87 25.95 -0.59
N GLY A 321 -12.78 25.20 0.07
CA GLY A 321 -14.15 24.97 -0.41
C GLY A 321 -15.00 26.23 -0.30
N ALA A 322 -15.92 26.37 -1.26
CA ALA A 322 -16.80 27.56 -1.32
C ALA A 322 -17.92 27.45 -0.29
N VAL A 323 -18.40 26.23 -0.06
CA VAL A 323 -19.64 26.01 0.74
C VAL A 323 -19.30 25.26 2.04
N GLU A 324 -18.52 24.17 1.92
CA GLU A 324 -18.13 23.41 3.12
C GLU A 324 -16.60 23.36 3.26
N PRO A 325 -15.97 24.49 3.60
CA PRO A 325 -14.52 24.63 3.74
C PRO A 325 -13.98 23.73 4.86
N ASP A 326 -14.85 23.35 5.79
CA ASP A 326 -14.45 22.47 6.90
C ASP A 326 -14.69 20.99 6.57
N ARG A 327 -14.76 20.62 5.28
CA ARG A 327 -14.82 19.25 4.88
C ARG A 327 -13.67 19.02 3.90
N TYR A 328 -12.87 17.98 4.16
CA TYR A 328 -11.59 17.82 3.42
C TYR A 328 -11.62 16.56 2.57
N VAL A 329 -11.30 16.74 1.28
CA VAL A 329 -11.07 15.63 0.37
C VAL A 329 -9.58 15.69 0.04
N ILE A 330 -8.87 14.58 0.24
CA ILE A 330 -7.42 14.61 0.22
C ILE A 330 -6.95 13.75 -0.96
N LEU A 331 -6.09 14.33 -1.79
CA LEU A 331 -5.38 13.57 -2.81
C LEU A 331 -3.91 13.58 -2.42
N GLY A 332 -3.37 12.40 -2.15
CA GLY A 332 -2.00 12.39 -1.63
C GLY A 332 -1.22 11.23 -2.23
N GLY A 333 0.07 11.47 -2.43
CA GLY A 333 0.97 10.37 -2.80
C GLY A 333 2.40 10.79 -2.50
N HIS A 334 3.34 9.83 -2.54
CA HIS A 334 4.69 10.20 -2.09
C HIS A 334 5.56 10.72 -3.25
N ARG A 335 6.65 11.36 -2.83
CA ARG A 335 7.59 12.05 -3.70
C ARG A 335 8.97 11.41 -3.58
N ASP A 336 9.31 10.89 -2.41
CA ASP A 336 10.62 10.25 -2.20
C ASP A 336 10.72 8.96 -3.01
N SER A 337 11.92 8.68 -3.52
CA SER A 337 12.14 7.49 -4.34
C SER A 337 13.40 6.78 -3.84
N TRP A 338 13.56 5.52 -4.23
CA TRP A 338 14.81 4.81 -3.92
C TRP A 338 15.95 5.35 -4.79
N VAL A 339 15.73 5.44 -6.10
CA VAL A 339 16.69 6.11 -7.00
C VAL A 339 15.93 7.13 -7.86
N PHE A 340 15.67 6.85 -9.14
CA PHE A 340 15.09 7.86 -10.04
C PHE A 340 13.56 7.88 -9.94
N GLY A 341 12.96 6.79 -9.45
CA GLY A 341 11.49 6.77 -9.24
C GLY A 341 10.68 6.89 -10.52
N GLY A 342 11.20 6.35 -11.63
CA GLY A 342 10.53 6.51 -12.94
C GLY A 342 9.08 6.05 -12.90
N ILE A 343 8.82 4.91 -12.27
CA ILE A 343 7.42 4.51 -12.01
C ILE A 343 7.05 4.93 -10.58
N ASP A 344 7.85 4.47 -9.62
CA ASP A 344 7.52 4.59 -8.20
C ASP A 344 8.40 5.66 -7.53
N PRO A 345 7.88 6.85 -7.21
CA PRO A 345 6.46 7.22 -7.29
C PRO A 345 6.16 8.26 -8.38
N GLN A 346 7.14 8.59 -9.24
CA GLN A 346 6.97 9.85 -10.00
C GLN A 346 5.87 9.70 -11.06
N SER A 347 5.54 8.49 -11.47
CA SER A 347 4.42 8.34 -12.43
C SER A 347 3.11 8.75 -11.75
N GLY A 348 3.05 8.54 -10.44
CA GLY A 348 1.91 9.05 -9.65
C GLY A 348 2.03 10.54 -9.37
N ALA A 349 3.19 11.01 -8.91
CA ALA A 349 3.40 12.43 -8.58
C ALA A 349 3.15 13.33 -9.79
N ALA A 350 3.51 12.88 -11.00
CA ALA A 350 3.33 13.71 -12.19
C ALA A 350 1.83 13.86 -12.47
N VAL A 351 1.08 12.79 -12.20
CA VAL A 351 -0.38 12.78 -12.35
C VAL A 351 -1.00 13.76 -11.34
N VAL A 352 -0.55 13.71 -10.09
CA VAL A 352 -1.05 14.67 -9.09
C VAL A 352 -0.75 16.11 -9.53
N HIS A 353 0.45 16.37 -10.05
CA HIS A 353 0.87 17.70 -10.45
C HIS A 353 -0.07 18.23 -11.53
N GLU A 354 -0.45 17.36 -12.47
CA GLU A 354 -1.34 17.75 -13.57
C GLU A 354 -2.77 17.95 -13.04
N ILE A 355 -3.17 17.16 -12.04
CA ILE A 355 -4.50 17.37 -11.40
C ILE A 355 -4.55 18.73 -10.70
N VAL A 356 -3.51 19.09 -9.95
CA VAL A 356 -3.47 20.39 -9.28
C VAL A 356 -3.55 21.48 -10.34
N ARG A 357 -2.75 21.34 -11.42
CA ARG A 357 -2.74 22.34 -12.47
C ARG A 357 -4.16 22.53 -13.03
N SER A 358 -4.88 21.44 -13.33
N SER A 358 -4.91 21.45 -13.21
CA SER A 358 -6.24 21.54 -13.87
CA SER A 358 -6.22 21.45 -13.87
C SER A 358 -7.14 22.27 -12.85
C SER A 358 -7.34 21.93 -12.92
N PHE A 359 -7.15 21.79 -11.60
CA PHE A 359 -8.01 22.45 -10.59
C PHE A 359 -7.68 23.95 -10.51
N GLY A 360 -6.39 24.29 -10.53
CA GLY A 360 -5.94 25.67 -10.44
C GLY A 360 -6.43 26.50 -11.63
N THR A 361 -6.50 25.89 -12.81
CA THR A 361 -7.03 26.58 -14.02
C THR A 361 -8.47 27.01 -13.76
N LEU A 362 -9.31 26.10 -13.28
CA LEU A 362 -10.72 26.39 -13.00
C LEU A 362 -10.79 27.46 -11.90
N LYS A 363 -9.94 27.36 -10.88
CA LYS A 363 -9.97 28.32 -9.80
C LYS A 363 -9.64 29.72 -10.32
N LYS A 364 -8.68 29.83 -11.23
CA LYS A 364 -8.29 31.13 -11.79
C LYS A 364 -9.46 31.74 -12.58
N GLU A 365 -10.35 30.90 -13.08
CA GLU A 365 -11.52 31.34 -13.84
C GLU A 365 -12.70 31.63 -12.91
N GLY A 366 -12.51 31.44 -11.60
CA GLY A 366 -13.47 31.89 -10.61
C GLY A 366 -14.19 30.75 -9.90
N TRP A 367 -13.84 29.51 -10.23
CA TRP A 367 -14.53 28.36 -9.66
C TRP A 367 -13.87 28.00 -8.33
N ARG A 368 -14.67 27.37 -7.48
CA ARG A 368 -14.16 26.73 -6.28
C ARG A 368 -14.97 25.45 -6.07
N PRO A 369 -14.29 24.40 -5.56
CA PRO A 369 -15.00 23.20 -5.21
C PRO A 369 -15.95 23.50 -4.02
N ARG A 370 -16.97 22.68 -3.87
CA ARG A 370 -17.90 22.84 -2.73
C ARG A 370 -17.15 22.65 -1.41
N ARG A 371 -16.39 21.55 -1.33
CA ARG A 371 -15.58 21.22 -0.14
C ARG A 371 -14.10 21.52 -0.41
N THR A 372 -13.33 21.62 0.65
CA THR A 372 -11.90 21.87 0.58
C THR A 372 -11.20 20.63 0.01
N ILE A 373 -10.27 20.87 -0.91
CA ILE A 373 -9.38 19.80 -1.39
C ILE A 373 -7.97 20.08 -0.85
N LEU A 374 -7.39 19.03 -0.25
CA LEU A 374 -6.01 19.06 0.21
C LEU A 374 -5.20 18.15 -0.73
N PHE A 375 -4.06 18.67 -1.15
CA PHE A 375 -3.12 17.93 -2.00
C PHE A 375 -1.83 17.72 -1.22
N ALA A 376 -1.31 16.48 -1.26
CA ALA A 376 -0.12 16.18 -0.50
C ALA A 376 0.90 15.44 -1.36
N SER A 377 2.14 15.90 -1.18
CA SER A 377 3.37 15.26 -1.69
C SER A 377 4.11 14.74 -0.46
N TRP A 378 3.95 13.45 -0.17
CA TRP A 378 4.48 12.90 1.09
C TRP A 378 5.96 12.56 0.95
N ASP A 379 6.68 12.65 2.07
CA ASP A 379 8.09 12.27 2.10
C ASP A 379 8.24 10.97 2.87
N ALA A 380 9.40 10.32 2.72
CA ALA A 380 9.83 9.14 3.49
C ALA A 380 8.80 8.01 3.45
N MET A 381 8.04 7.89 2.36
CA MET A 381 7.11 6.80 2.26
C MET A 381 7.91 5.49 2.20
N GLU A 382 9.02 5.52 1.46
CA GLU A 382 9.80 4.29 1.25
C GLU A 382 10.40 3.76 2.57
N PHE A 383 10.45 4.58 3.61
CA PHE A 383 11.04 4.19 4.88
C PHE A 383 9.97 3.86 5.92
N GLY A 384 8.72 3.62 5.47
CA GLY A 384 7.66 3.16 6.39
C GLY A 384 6.44 4.06 6.44
N LEU A 385 6.11 4.74 5.34
CA LEU A 385 4.90 5.60 5.31
C LEU A 385 5.07 6.75 6.33
N LEU A 386 6.30 7.24 6.48
CA LEU A 386 6.59 8.09 7.66
C LEU A 386 5.98 9.48 7.51
N GLY A 387 6.08 10.08 6.34
CA GLY A 387 5.59 11.46 6.12
C GLY A 387 4.07 11.56 6.25
N SER A 388 3.33 10.66 5.58
CA SER A 388 1.87 10.68 5.70
C SER A 388 1.47 10.44 7.17
N THR A 389 2.14 9.48 7.81
CA THR A 389 1.72 9.06 9.17
C THR A 389 2.01 10.20 10.17
N GLU A 390 3.17 10.84 10.08
CA GLU A 390 3.48 11.90 11.06
C GLU A 390 2.51 13.07 10.85
N TRP A 391 2.20 13.41 9.60
CA TRP A 391 1.27 14.52 9.34
C TRP A 391 -0.12 14.17 9.89
N ALA A 392 -0.57 12.93 9.66
CA ALA A 392 -1.90 12.54 10.15
C ALA A 392 -1.88 12.50 11.69
N GLU A 393 -0.75 12.10 12.31
CA GLU A 393 -0.69 12.14 13.80
C GLU A 393 -0.80 13.59 14.28
N GLU A 394 -0.15 14.51 13.56
CA GLU A 394 -0.21 15.91 13.95
C GLU A 394 -1.65 16.42 13.83
N ASN A 395 -2.32 16.03 12.76
CA ASN A 395 -3.62 16.66 12.39
C ASN A 395 -4.80 15.71 12.65
N SER A 396 -4.61 14.72 13.52
CA SER A 396 -5.62 13.67 13.67
C SER A 396 -6.99 14.22 14.05
N ARG A 397 -7.04 15.26 14.89
CA ARG A 397 -8.36 15.77 15.33
C ARG A 397 -9.09 16.45 14.16
N LEU A 398 -8.35 17.23 13.36
CA LEU A 398 -8.99 17.82 12.18
C LEU A 398 -9.46 16.73 11.22
N LEU A 399 -8.63 15.70 10.99
CA LEU A 399 -8.96 14.69 10.01
C LEU A 399 -10.14 13.84 10.48
N GLN A 400 -10.22 13.48 11.75
N GLN A 400 -10.14 13.53 11.79
CA GLN A 400 -11.30 12.57 12.08
CA GLN A 400 -11.18 12.74 12.48
C GLN A 400 -12.64 13.34 12.19
C GLN A 400 -12.56 13.37 12.20
N GLU A 401 -12.65 14.68 12.38
CA GLU A 401 -13.96 15.34 12.44
C GLU A 401 -14.31 15.95 11.07
N ARG A 402 -13.34 16.08 10.18
CA ARG A 402 -13.60 16.82 8.94
C ARG A 402 -13.24 16.02 7.69
N GLY A 403 -12.60 14.86 7.84
CA GLY A 403 -12.08 14.14 6.66
C GLY A 403 -13.16 13.36 5.93
N VAL A 404 -13.42 13.74 4.68
CA VAL A 404 -14.42 13.06 3.89
C VAL A 404 -13.81 11.80 3.26
N ALA A 405 -12.68 11.99 2.58
CA ALA A 405 -12.12 10.88 1.79
C ALA A 405 -10.65 11.16 1.51
N TYR A 406 -9.93 10.04 1.29
CA TYR A 406 -8.52 10.09 0.91
C TYR A 406 -8.34 9.26 -0.36
N ILE A 407 -7.78 9.88 -1.40
CA ILE A 407 -7.44 9.20 -2.64
C ILE A 407 -5.92 9.17 -2.74
N ASN A 408 -5.38 7.96 -2.84
CA ASN A 408 -3.92 7.77 -2.88
C ASN A 408 -3.42 8.04 -4.31
N ALA A 409 -2.11 8.29 -4.45
CA ALA A 409 -1.60 8.59 -5.80
C ALA A 409 -0.12 8.21 -5.86
N ASP A 410 0.19 6.96 -5.55
CA ASP A 410 1.50 6.39 -5.87
C ASP A 410 1.50 6.03 -7.38
N SER A 411 2.40 5.12 -7.78
N SER A 411 2.42 5.16 -7.81
CA SER A 411 2.60 4.75 -9.20
CA SER A 411 2.65 4.85 -9.22
C SER A 411 1.27 4.70 -9.98
C SER A 411 1.32 4.70 -9.99
N SER A 412 1.23 5.42 -11.10
CA SER A 412 0.03 5.43 -11.96
C SER A 412 -0.06 4.15 -12.80
N ILE A 413 1.08 3.49 -13.04
CA ILE A 413 1.13 2.32 -13.94
C ILE A 413 1.99 1.23 -13.30
N GLU A 414 1.59 -0.02 -13.42
CA GLU A 414 2.48 -1.15 -13.13
C GLU A 414 2.37 -2.15 -14.28
N GLY A 415 1.72 -1.70 -15.35
CA GLY A 415 1.45 -2.47 -16.56
C GLY A 415 0.58 -1.65 -17.50
N ASN A 416 0.15 -2.23 -18.62
CA ASN A 416 -0.55 -1.43 -19.63
C ASN A 416 -1.81 -2.19 -20.08
N TYR A 417 -2.33 -3.06 -19.22
CA TYR A 417 -3.41 -3.97 -19.60
C TYR A 417 -4.79 -3.40 -19.25
N THR A 418 -5.05 -3.14 -17.96
CA THR A 418 -6.37 -2.63 -17.60
C THR A 418 -6.28 -1.87 -16.27
N LEU A 419 -7.41 -1.31 -15.86
CA LEU A 419 -7.50 -0.57 -14.59
C LEU A 419 -7.47 -1.53 -13.41
N ARG A 420 -6.93 -1.03 -12.31
CA ARG A 420 -6.96 -1.72 -11.01
C ARG A 420 -7.45 -0.71 -9.96
N VAL A 421 -8.52 -1.03 -9.25
CA VAL A 421 -9.02 -0.14 -8.19
C VAL A 421 -9.11 -0.95 -6.89
N ASP A 422 -8.58 -0.39 -5.81
CA ASP A 422 -8.78 -0.93 -4.45
C ASP A 422 -9.43 0.20 -3.66
N CYS A 423 -10.55 -0.06 -2.98
CA CYS A 423 -11.18 1.04 -2.23
C CYS A 423 -12.18 0.50 -1.22
N THR A 424 -12.64 1.38 -0.35
CA THR A 424 -13.76 1.09 0.52
C THR A 424 -15.02 0.81 -0.33
N PRO A 425 -15.85 -0.12 0.12
CA PRO A 425 -17.16 -0.35 -0.54
C PRO A 425 -17.96 0.96 -0.71
N LEU A 426 -17.74 1.97 0.15
CA LEU A 426 -18.49 3.24 0.05
C LEU A 426 -18.23 3.94 -1.30
N MET A 427 -17.13 3.61 -1.97
CA MET A 427 -16.78 4.29 -3.23
C MET A 427 -17.08 3.40 -4.46
N TYR A 428 -17.59 2.19 -4.31
CA TYR A 428 -17.80 1.30 -5.45
C TYR A 428 -18.72 1.96 -6.50
N SER A 429 -19.84 2.54 -6.04
N SER A 429 -19.81 2.58 -6.06
CA SER A 429 -20.81 3.16 -6.96
CA SER A 429 -20.79 3.15 -7.00
C SER A 429 -20.18 4.34 -7.71
C SER A 429 -20.24 4.39 -7.70
N LEU A 430 -19.48 5.19 -6.97
CA LEU A 430 -18.77 6.35 -7.53
C LEU A 430 -17.83 5.87 -8.64
N VAL A 431 -17.08 4.80 -8.39
CA VAL A 431 -16.07 4.32 -9.35
C VAL A 431 -16.79 3.76 -10.60
N HIS A 432 -17.83 2.94 -10.40
CA HIS A 432 -18.63 2.42 -11.54
C HIS A 432 -19.14 3.58 -12.39
N ASN A 433 -19.74 4.59 -11.75
CA ASN A 433 -20.37 5.67 -12.50
C ASN A 433 -19.32 6.52 -13.22
N LEU A 434 -18.19 6.78 -12.57
CA LEU A 434 -17.21 7.64 -13.19
C LEU A 434 -16.60 6.91 -14.40
N THR A 435 -16.30 5.64 -14.24
CA THR A 435 -15.59 4.91 -15.32
C THR A 435 -16.51 4.74 -16.54
N LYS A 436 -17.83 4.76 -16.34
CA LYS A 436 -18.79 4.68 -17.46
C LYS A 436 -18.76 5.97 -18.29
N GLU A 437 -18.25 7.05 -17.71
N GLU A 437 -18.23 7.05 -17.74
CA GLU A 437 -18.22 8.38 -18.33
CA GLU A 437 -18.22 8.37 -18.39
C GLU A 437 -16.89 8.58 -19.08
C GLU A 437 -16.81 8.72 -18.88
N LEU A 438 -15.87 7.80 -18.73
CA LEU A 438 -14.50 8.00 -19.24
C LEU A 438 -14.26 7.12 -20.47
N LYS A 439 -13.39 7.61 -21.34
CA LYS A 439 -13.02 6.86 -22.57
C LYS A 439 -11.96 5.79 -22.25
N SER A 440 -12.14 4.60 -22.78
CA SER A 440 -11.11 3.58 -22.68
C SER A 440 -9.91 3.96 -23.56
N PRO A 441 -8.70 3.90 -22.99
CA PRO A 441 -7.48 4.16 -23.76
C PRO A 441 -6.98 2.90 -24.47
N ASP A 442 -7.66 1.76 -24.28
CA ASP A 442 -7.17 0.45 -24.67
C ASP A 442 -7.33 0.26 -26.18
N GLU A 443 -6.40 -0.49 -26.75
CA GLU A 443 -6.51 -0.95 -28.15
C GLU A 443 -7.67 -1.94 -28.27
N GLY A 444 -8.52 -1.73 -29.27
CA GLY A 444 -9.65 -2.61 -29.48
C GLY A 444 -10.88 -2.10 -28.72
N PHE A 445 -10.75 -0.99 -28.00
CA PHE A 445 -11.88 -0.42 -27.25
C PHE A 445 -12.05 1.06 -27.59
N GLU A 446 -11.58 1.48 -28.77
N GLU A 446 -11.61 1.46 -28.79
CA GLU A 446 -11.74 2.88 -29.15
CA GLU A 446 -11.78 2.83 -29.26
C GLU A 446 -13.23 3.18 -29.25
C GLU A 446 -13.27 3.18 -29.27
N GLY A 447 -13.62 4.33 -28.71
CA GLY A 447 -15.02 4.77 -28.68
C GLY A 447 -15.85 4.08 -27.61
N LYS A 448 -15.25 3.17 -26.84
CA LYS A 448 -15.96 2.49 -25.73
C LYS A 448 -15.50 3.09 -24.39
N SER A 449 -16.29 2.86 -23.36
CA SER A 449 -16.02 3.44 -22.03
C SER A 449 -14.91 2.65 -21.33
N LEU A 450 -14.21 3.32 -20.41
CA LEU A 450 -13.28 2.64 -19.49
C LEU A 450 -14.00 1.52 -18.72
N TYR A 451 -15.25 1.76 -18.29
CA TYR A 451 -15.97 0.72 -17.58
C TYR A 451 -16.06 -0.55 -18.44
N GLU A 452 -16.35 -0.38 -19.74
CA GLU A 452 -16.52 -1.53 -20.60
C GLU A 452 -15.20 -2.30 -20.74
N SER A 453 -14.09 -1.61 -20.99
CA SER A 453 -12.82 -2.33 -21.19
C SER A 453 -12.36 -2.99 -19.89
N TRP A 454 -12.53 -2.25 -18.79
CA TRP A 454 -12.14 -2.74 -17.48
C TRP A 454 -12.95 -3.98 -17.08
N THR A 455 -14.26 -3.95 -17.29
CA THR A 455 -15.11 -5.07 -16.92
C THR A 455 -14.77 -6.29 -17.77
N LYS A 456 -14.51 -6.05 -19.06
CA LYS A 456 -14.16 -7.13 -19.98
C LYS A 456 -12.85 -7.79 -19.54
N LYS A 457 -11.82 -7.00 -19.24
CA LYS A 457 -10.45 -7.51 -18.98
C LYS A 457 -10.30 -7.99 -17.53
N SER A 458 -11.10 -7.42 -16.62
CA SER A 458 -10.99 -7.75 -15.20
C SER A 458 -12.38 -8.00 -14.60
N PRO A 459 -13.02 -9.12 -14.97
CA PRO A 459 -14.39 -9.31 -14.51
C PRO A 459 -14.47 -9.53 -13.00
N SER A 460 -15.54 -9.01 -12.39
CA SER A 460 -15.84 -9.34 -11.00
C SER A 460 -15.96 -10.86 -10.86
N PRO A 461 -15.36 -11.43 -9.80
CA PRO A 461 -15.52 -12.86 -9.54
C PRO A 461 -16.95 -13.21 -9.04
N GLU A 462 -17.70 -12.18 -8.64
CA GLU A 462 -18.98 -12.38 -8.00
C GLU A 462 -20.13 -12.00 -8.95
N PHE A 463 -19.96 -10.93 -9.73
CA PHE A 463 -21.09 -10.36 -10.47
C PHE A 463 -20.76 -10.20 -11.96
N SER A 464 -21.55 -10.87 -12.79
CA SER A 464 -21.43 -10.71 -14.25
C SER A 464 -21.79 -9.27 -14.62
N GLY A 465 -21.01 -8.69 -15.53
CA GLY A 465 -21.28 -7.35 -16.07
C GLY A 465 -20.66 -6.23 -15.24
N MET A 466 -19.94 -6.62 -14.19
CA MET A 466 -19.25 -5.64 -13.33
C MET A 466 -17.75 -5.99 -13.23
N PRO A 467 -16.90 -4.97 -12.97
CA PRO A 467 -15.45 -5.18 -12.86
C PRO A 467 -14.99 -5.57 -11.44
N ARG A 468 -13.80 -6.11 -11.35
CA ARG A 468 -13.21 -6.44 -10.04
C ARG A 468 -12.79 -5.15 -9.32
N ILE A 469 -13.20 -5.00 -8.06
CA ILE A 469 -12.65 -3.96 -7.19
C ILE A 469 -12.19 -4.65 -5.91
N SER A 470 -10.92 -4.44 -5.53
CA SER A 470 -10.33 -5.17 -4.43
C SER A 470 -10.42 -4.33 -3.15
N LYS A 471 -10.21 -5.03 -2.04
N LYS A 471 -10.28 -5.00 -2.02
CA LYS A 471 -10.08 -4.40 -0.73
CA LYS A 471 -10.22 -4.28 -0.75
C LYS A 471 -8.78 -3.60 -0.70
C LYS A 471 -8.83 -3.64 -0.63
N LEU A 472 -8.76 -2.58 0.16
CA LEU A 472 -7.50 -1.93 0.47
C LEU A 472 -6.71 -2.88 1.38
N GLY A 473 -5.45 -3.07 1.03
CA GLY A 473 -4.53 -3.71 1.92
C GLY A 473 -3.73 -2.64 2.64
N SER A 474 -2.41 -2.76 2.59
CA SER A 474 -1.59 -1.70 3.14
C SER A 474 -0.25 -1.64 2.42
N GLY A 475 0.72 -0.95 3.02
CA GLY A 475 1.98 -0.73 2.32
C GLY A 475 1.94 0.52 1.46
N ASN A 476 0.95 1.40 1.68
CA ASN A 476 0.95 2.68 0.99
C ASN A 476 0.31 3.77 1.86
N ASP A 477 0.36 5.02 1.41
CA ASP A 477 0.14 6.16 2.29
C ASP A 477 -1.30 6.36 2.71
N PHE A 478 -2.22 5.56 2.17
CA PHE A 478 -3.60 5.60 2.68
C PHE A 478 -3.71 4.92 4.05
N GLU A 479 -2.69 4.18 4.51
CA GLU A 479 -2.83 3.30 5.69
C GLU A 479 -3.29 4.10 6.93
N VAL A 480 -2.64 5.24 7.21
CA VAL A 480 -3.00 5.95 8.43
C VAL A 480 -4.44 6.49 8.31
N PHE A 481 -4.80 6.94 7.12
CA PHE A 481 -6.12 7.56 6.95
C PHE A 481 -7.23 6.52 7.08
N PHE A 482 -7.01 5.33 6.51
CA PHE A 482 -8.07 4.33 6.44
C PHE A 482 -8.06 3.45 7.70
N GLN A 483 -6.93 2.77 7.95
CA GLN A 483 -6.90 1.76 9.01
C GLN A 483 -6.75 2.37 10.41
N ARG A 484 -6.13 3.55 10.55
CA ARG A 484 -6.03 4.17 11.87
C ARG A 484 -7.21 5.12 12.10
N LEU A 485 -7.47 6.02 11.16
CA LEU A 485 -8.46 7.10 11.42
C LEU A 485 -9.87 6.78 10.87
N GLY A 486 -10.03 5.83 9.96
CA GLY A 486 -11.36 5.48 9.46
C GLY A 486 -11.93 6.52 8.51
N ILE A 487 -11.08 7.05 7.64
CA ILE A 487 -11.51 7.94 6.54
C ILE A 487 -11.64 7.10 5.27
N ALA A 488 -12.79 7.19 4.61
CA ALA A 488 -13.04 6.46 3.35
C ALA A 488 -11.86 6.68 2.39
N SER A 489 -11.27 5.59 1.89
CA SER A 489 -10.05 5.73 1.09
C SER A 489 -10.16 4.89 -0.20
N GLY A 490 -9.43 5.32 -1.22
CA GLY A 490 -9.38 4.56 -2.48
C GLY A 490 -8.08 4.81 -3.24
N ARG A 491 -7.79 3.91 -4.18
CA ARG A 491 -6.62 4.05 -5.06
C ARG A 491 -6.96 3.45 -6.43
N ALA A 492 -6.28 3.93 -7.47
CA ALA A 492 -6.51 3.41 -8.83
C ALA A 492 -5.22 3.52 -9.63
N ARG A 493 -4.94 2.52 -10.46
CA ARG A 493 -3.76 2.60 -11.35
C ARG A 493 -3.99 1.64 -12.52
N TYR A 494 -3.13 1.75 -13.53
CA TYR A 494 -3.13 0.74 -14.59
C TYR A 494 -2.22 -0.43 -14.20
N THR A 495 -2.62 -1.64 -14.56
CA THR A 495 -1.97 -2.84 -14.09
C THR A 495 -1.77 -3.81 -15.27
N LYS A 496 -1.07 -4.90 -15.00
CA LYS A 496 -0.80 -5.94 -16.01
C LYS A 496 -1.94 -6.97 -16.02
N ASN A 497 -1.86 -7.89 -16.97
CA ASN A 497 -2.76 -9.03 -17.06
C ASN A 497 -2.19 -10.14 -16.18
N TRP A 498 -2.85 -10.40 -15.06
CA TRP A 498 -2.35 -11.31 -14.05
C TRP A 498 -2.45 -12.77 -14.53
N GLU A 499 -3.04 -12.97 -15.71
CA GLU A 499 -3.16 -14.32 -16.30
C GLU A 499 -1.91 -14.63 -17.14
N THR A 500 -1.33 -13.60 -17.75
CA THR A 500 -0.13 -13.74 -18.58
C THR A 500 1.07 -14.05 -17.69
N GLY A 505 4.59 -7.93 -8.94
CA GLY A 505 4.43 -6.54 -9.37
C GLY A 505 5.00 -6.33 -10.76
N TYR A 506 5.93 -5.38 -10.89
CA TYR A 506 6.65 -5.21 -12.17
C TYR A 506 8.13 -5.53 -11.93
N PRO A 507 8.81 -6.00 -12.99
CA PRO A 507 10.15 -6.53 -12.74
C PRO A 507 11.18 -5.53 -12.20
N LEU A 508 11.09 -4.25 -12.57
CA LEU A 508 12.18 -3.28 -12.22
C LEU A 508 11.85 -2.49 -10.95
N TYR A 509 10.83 -2.95 -10.24
CA TYR A 509 10.44 -2.35 -8.94
C TYR A 509 11.64 -2.13 -8.01
N HIS A 510 11.85 -0.86 -7.61
CA HIS A 510 12.79 -0.45 -6.55
C HIS A 510 14.24 -0.66 -6.98
N SER A 511 14.44 -0.80 -8.28
CA SER A 511 15.80 -0.91 -8.87
C SER A 511 16.22 0.44 -9.50
N VAL A 512 17.54 0.58 -9.76
CA VAL A 512 18.09 1.77 -10.43
C VAL A 512 17.49 1.88 -11.85
N TYR A 513 16.91 0.78 -12.38
CA TYR A 513 16.48 0.78 -13.80
C TYR A 513 15.08 1.38 -13.98
N GLU A 514 14.44 1.76 -12.87
CA GLU A 514 13.16 2.41 -12.92
C GLU A 514 13.36 3.88 -13.32
N THR A 515 13.29 4.18 -14.61
CA THR A 515 13.70 5.47 -15.12
C THR A 515 12.59 6.05 -16.00
N TYR A 516 12.73 7.32 -16.37
CA TYR A 516 11.84 7.92 -17.34
C TYR A 516 11.80 7.07 -18.62
N GLU A 517 12.96 6.57 -19.05
CA GLU A 517 13.03 5.86 -20.33
C GLU A 517 12.24 4.55 -20.25
N LEU A 518 12.23 3.90 -19.08
CA LEU A 518 11.45 2.68 -18.93
C LEU A 518 9.99 2.97 -19.26
N VAL A 519 9.49 4.10 -18.75
CA VAL A 519 8.07 4.42 -18.91
C VAL A 519 7.81 4.83 -20.36
N GLU A 520 8.61 5.76 -20.87
CA GLU A 520 8.40 6.37 -22.19
C GLU A 520 8.58 5.32 -23.31
N LYS A 521 9.51 4.38 -23.13
N LYS A 521 9.49 4.37 -23.13
CA LYS A 521 9.79 3.40 -24.19
CA LYS A 521 9.80 3.40 -24.19
C LYS A 521 8.87 2.19 -24.08
C LYS A 521 8.92 2.15 -24.08
N PHE A 522 8.67 1.67 -22.87
CA PHE A 522 8.08 0.33 -22.71
C PHE A 522 6.66 0.35 -22.13
N TYR A 523 6.33 1.29 -21.24
CA TYR A 523 5.02 1.17 -20.55
C TYR A 523 3.94 2.03 -21.20
N ASP A 524 4.27 3.28 -21.50
CA ASP A 524 3.22 4.23 -21.88
C ASP A 524 3.73 5.35 -22.76
N PRO A 525 4.18 5.00 -24.00
CA PRO A 525 4.81 5.99 -24.85
C PRO A 525 3.94 7.22 -25.16
N MET A 526 2.63 7.04 -25.27
N MET A 526 2.63 7.05 -25.24
CA MET A 526 1.70 8.13 -25.59
CA MET A 526 1.72 8.14 -25.58
C MET A 526 1.08 8.72 -24.32
C MET A 526 1.25 8.86 -24.29
N PHE A 527 1.50 8.24 -23.14
CA PHE A 527 1.02 8.80 -21.84
C PHE A 527 -0.51 8.74 -21.73
N LYS A 528 -1.11 7.82 -22.47
CA LYS A 528 -2.56 7.72 -22.47
C LYS A 528 -3.04 6.96 -21.22
N TYR A 529 -2.25 6.00 -20.72
CA TYR A 529 -2.63 5.29 -19.49
C TYR A 529 -2.49 6.23 -18.29
N HIS A 530 -1.41 7.02 -18.26
CA HIS A 530 -1.25 8.10 -17.27
C HIS A 530 -2.46 9.04 -17.32
N LEU A 531 -2.87 9.46 -18.52
CA LEU A 531 -3.98 10.38 -18.61
C LEU A 531 -5.25 9.72 -18.05
N THR A 532 -5.50 8.47 -18.40
CA THR A 532 -6.69 7.75 -17.92
C THR A 532 -6.66 7.69 -16.40
N VAL A 533 -5.50 7.36 -15.84
CA VAL A 533 -5.40 7.31 -14.35
C VAL A 533 -5.59 8.71 -13.75
N ALA A 534 -5.10 9.77 -14.41
CA ALA A 534 -5.34 11.13 -13.93
C ALA A 534 -6.86 11.42 -13.92
N GLN A 535 -7.55 10.94 -14.97
CA GLN A 535 -9.01 11.13 -15.07
C GLN A 535 -9.74 10.38 -13.95
N VAL A 536 -9.30 9.17 -13.64
CA VAL A 536 -9.97 8.38 -12.58
C VAL A 536 -9.70 9.06 -11.22
N ARG A 537 -8.43 9.30 -10.90
CA ARG A 537 -8.11 9.87 -9.57
C ARG A 537 -8.70 11.27 -9.43
N GLY A 538 -8.49 12.12 -10.44
CA GLY A 538 -8.98 13.48 -10.40
C GLY A 538 -10.50 13.54 -10.41
N GLY A 539 -11.13 12.69 -11.22
CA GLY A 539 -12.58 12.59 -11.31
C GLY A 539 -13.18 12.21 -9.95
N MET A 540 -12.53 11.27 -9.29
CA MET A 540 -13.00 10.83 -7.96
C MET A 540 -12.93 12.00 -6.97
N VAL A 541 -11.80 12.71 -6.94
CA VAL A 541 -11.62 13.87 -6.08
C VAL A 541 -12.66 14.94 -6.43
N PHE A 542 -12.88 15.18 -7.73
CA PHE A 542 -13.85 16.19 -8.16
C PHE A 542 -15.25 15.87 -7.58
N GLU A 543 -15.72 14.65 -7.77
N GLU A 543 -15.68 14.62 -7.72
CA GLU A 543 -17.05 14.28 -7.29
CA GLU A 543 -17.05 14.19 -7.33
C GLU A 543 -17.09 14.43 -5.76
C GLU A 543 -17.19 14.10 -5.81
N LEU A 544 -16.11 13.81 -5.09
CA LEU A 544 -16.11 13.83 -3.59
C LEU A 544 -16.15 15.26 -3.08
N ALA A 545 -15.46 16.16 -3.76
CA ALA A 545 -15.32 17.53 -3.30
C ALA A 545 -16.51 18.38 -3.78
N ASN A 546 -17.29 17.90 -4.74
CA ASN A 546 -18.27 18.81 -5.41
C ASN A 546 -19.72 18.31 -5.39
N SER A 547 -19.94 17.00 -5.31
CA SER A 547 -21.31 16.46 -5.29
C SER A 547 -22.04 17.03 -4.06
N ILE A 548 -23.31 17.42 -4.26
CA ILE A 548 -24.06 17.98 -3.14
C ILE A 548 -24.23 16.94 -2.03
N VAL A 549 -24.70 15.76 -2.39
CA VAL A 549 -24.74 14.65 -1.47
C VAL A 549 -23.43 13.88 -1.68
N LEU A 550 -22.71 13.59 -0.60
CA LEU A 550 -21.47 12.78 -0.77
C LEU A 550 -21.76 11.51 -1.56
N PRO A 551 -20.83 11.15 -2.50
CA PRO A 551 -21.10 10.07 -3.43
C PRO A 551 -20.69 8.71 -2.85
N PHE A 552 -21.28 8.38 -1.71
CA PHE A 552 -21.05 7.10 -1.08
C PHE A 552 -22.37 6.33 -1.04
N ASP A 553 -22.30 5.02 -1.23
CA ASP A 553 -23.49 4.17 -1.13
C ASP A 553 -23.33 3.15 -0.01
N CYS A 554 -23.97 3.44 1.13
CA CYS A 554 -23.86 2.56 2.31
C CYS A 554 -24.37 1.14 2.02
N ARG A 555 -25.26 0.97 1.04
CA ARG A 555 -25.76 -0.38 0.76
C ARG A 555 -24.66 -1.32 0.23
N ASP A 556 -23.65 -0.74 -0.42
CA ASP A 556 -22.54 -1.55 -0.90
C ASP A 556 -21.71 -2.12 0.26
N TYR A 557 -21.66 -1.40 1.39
CA TYR A 557 -20.99 -1.94 2.58
C TYR A 557 -21.77 -3.15 3.10
N ALA A 558 -23.11 -3.06 3.08
CA ALA A 558 -23.94 -4.17 3.61
C ALA A 558 -23.70 -5.47 2.83
N VAL A 559 -23.57 -5.37 1.50
CA VAL A 559 -23.33 -6.52 0.65
C VAL A 559 -21.98 -7.17 1.02
N VAL A 560 -20.93 -6.36 1.15
CA VAL A 560 -19.61 -6.95 1.38
C VAL A 560 -19.53 -7.50 2.81
N LEU A 561 -20.20 -6.86 3.78
CA LEU A 561 -20.18 -7.36 5.17
C LEU A 561 -20.76 -8.77 5.23
N ARG A 562 -21.80 -9.05 4.43
CA ARG A 562 -22.37 -10.40 4.43
C ARG A 562 -21.38 -11.40 3.82
N LYS A 563 -20.72 -11.00 2.73
CA LYS A 563 -19.68 -11.83 2.09
C LYS A 563 -18.55 -12.15 3.10
N TYR A 564 -18.10 -11.13 3.82
CA TYR A 564 -17.01 -11.34 4.81
C TYR A 564 -17.50 -12.20 5.99
N ALA A 565 -18.74 -11.99 6.43
CA ALA A 565 -19.29 -12.82 7.51
C ALA A 565 -19.37 -14.30 7.07
N ASP A 566 -19.92 -14.54 5.87
CA ASP A 566 -19.90 -15.90 5.30
C ASP A 566 -18.50 -16.52 5.27
N LYS A 567 -17.50 -15.73 4.87
CA LYS A 567 -16.15 -16.23 4.72
C LYS A 567 -15.56 -16.61 6.09
N ILE A 568 -15.71 -15.73 7.07
CA ILE A 568 -15.10 -15.99 8.38
C ILE A 568 -15.83 -17.16 9.06
N TYR A 569 -17.16 -17.23 8.92
CA TYR A 569 -17.92 -18.40 9.39
C TYR A 569 -17.36 -19.70 8.77
N SER A 570 -17.11 -19.70 7.46
N SER A 570 -17.08 -19.70 7.47
CA SER A 570 -16.63 -20.91 6.78
CA SER A 570 -16.65 -20.93 6.78
C SER A 570 -15.29 -21.36 7.37
C SER A 570 -15.23 -21.34 7.21
N ILE A 571 -14.41 -20.40 7.68
CA ILE A 571 -13.11 -20.75 8.25
C ILE A 571 -13.31 -21.45 9.60
N SER A 572 -14.21 -20.90 10.40
CA SER A 572 -14.44 -21.44 11.74
C SER A 572 -15.00 -22.85 11.64
N MET A 573 -15.89 -23.03 10.67
CA MET A 573 -16.65 -24.29 10.53
C MET A 573 -15.76 -25.45 10.05
N LYS A 574 -14.48 -25.19 9.79
N LYS A 574 -14.49 -25.17 9.78
CA LYS A 574 -13.51 -26.28 9.59
CA LYS A 574 -13.47 -26.22 9.61
C LYS A 574 -13.21 -26.96 10.93
C LYS A 574 -13.28 -26.99 10.92
N HIS A 575 -13.77 -26.42 12.02
CA HIS A 575 -13.55 -26.96 13.38
C HIS A 575 -14.90 -27.21 14.07
N PRO A 576 -15.78 -28.03 13.46
CA PRO A 576 -17.13 -28.18 13.99
C PRO A 576 -17.18 -28.71 15.43
N GLN A 577 -16.30 -29.65 15.79
N GLN A 577 -16.25 -29.59 15.81
CA GLN A 577 -16.31 -30.19 17.15
CA GLN A 577 -16.27 -30.23 17.14
C GLN A 577 -16.06 -29.04 18.13
C GLN A 577 -15.83 -29.24 18.23
N GLU A 578 -15.00 -28.26 17.87
CA GLU A 578 -14.62 -27.21 18.83
C GLU A 578 -15.75 -26.18 18.93
N MET A 579 -16.44 -25.91 17.83
CA MET A 579 -17.51 -24.93 17.87
C MET A 579 -18.66 -25.47 18.75
N LYS A 580 -18.86 -26.80 18.73
CA LYS A 580 -19.88 -27.41 19.60
C LYS A 580 -19.42 -27.34 21.06
N THR A 581 -18.19 -27.76 21.33
CA THR A 581 -17.63 -27.84 22.68
C THR A 581 -17.63 -26.46 23.35
N TYR A 582 -17.18 -25.43 22.61
CA TYR A 582 -17.02 -24.12 23.22
C TYR A 582 -18.19 -23.18 22.92
N SER A 583 -19.26 -23.70 22.31
N SER A 583 -19.24 -23.70 22.28
CA SER A 583 -20.49 -22.94 22.02
CA SER A 583 -20.46 -22.94 22.04
C SER A 583 -20.17 -21.68 21.21
C SER A 583 -20.16 -21.69 21.21
N VAL A 584 -19.43 -21.87 20.12
CA VAL A 584 -18.97 -20.74 19.29
C VAL A 584 -20.08 -20.40 18.29
N SER A 585 -20.79 -19.29 18.50
CA SER A 585 -21.86 -18.94 17.54
C SER A 585 -21.52 -17.65 16.79
N PHE A 586 -21.84 -17.65 15.50
CA PHE A 586 -21.71 -16.45 14.69
C PHE A 586 -23.07 -15.74 14.59
N ASP A 587 -24.08 -16.20 15.34
CA ASP A 587 -25.41 -15.58 15.22
C ASP A 587 -25.44 -14.06 15.41
N SER A 588 -24.68 -13.56 16.40
CA SER A 588 -24.66 -12.14 16.66
C SER A 588 -24.12 -11.37 15.44
N LEU A 589 -23.08 -11.91 14.81
CA LEU A 589 -22.48 -11.18 13.68
C LEU A 589 -23.43 -11.17 12.48
N PHE A 590 -24.07 -12.31 12.18
CA PHE A 590 -25.04 -12.31 11.08
C PHE A 590 -26.23 -11.40 11.42
N SER A 591 -26.68 -11.39 12.67
CA SER A 591 -27.74 -10.47 13.09
C SER A 591 -27.34 -9.02 12.85
N ALA A 592 -26.12 -8.63 13.25
CA ALA A 592 -25.68 -7.27 13.05
C ALA A 592 -25.64 -6.92 11.55
N VAL A 593 -25.19 -7.88 10.73
CA VAL A 593 -25.05 -7.63 9.28
C VAL A 593 -26.45 -7.47 8.66
N LYS A 594 -27.38 -8.31 9.08
CA LYS A 594 -28.80 -8.20 8.67
C LYS A 594 -29.37 -6.82 9.05
N ASN A 595 -29.12 -6.37 10.28
CA ASN A 595 -29.58 -5.07 10.73
C ASN A 595 -28.93 -3.95 9.90
N PHE A 596 -27.62 -4.06 9.64
CA PHE A 596 -26.94 -3.07 8.85
C PHE A 596 -27.61 -2.96 7.48
N THR A 597 -27.93 -4.11 6.89
CA THR A 597 -28.54 -4.16 5.54
C THR A 597 -29.89 -3.42 5.57
N GLU A 598 -30.70 -3.73 6.57
CA GLU A 598 -32.05 -3.12 6.71
C GLU A 598 -31.95 -1.60 6.97
N ILE A 599 -31.07 -1.16 7.89
CA ILE A 599 -30.96 0.26 8.24
C ILE A 599 -30.38 1.04 7.05
N ALA A 600 -29.40 0.45 6.36
CA ALA A 600 -28.77 1.15 5.22
C ALA A 600 -29.82 1.31 4.10
N SER A 601 -30.67 0.28 3.93
CA SER A 601 -31.74 0.37 2.92
C SER A 601 -32.67 1.56 3.22
N LYS A 602 -33.04 1.71 4.49
CA LYS A 602 -33.94 2.78 4.88
C LYS A 602 -33.25 4.14 4.80
N PHE A 603 -31.96 4.21 5.17
CA PHE A 603 -31.23 5.44 5.07
C PHE A 603 -31.16 5.91 3.59
N SER A 604 -30.94 4.98 2.68
N SER A 604 -30.93 4.97 2.70
CA SER A 604 -30.84 5.28 1.24
CA SER A 604 -30.86 5.21 1.25
C SER A 604 -32.16 5.89 0.73
C SER A 604 -32.16 5.88 0.76
N GLU A 605 -33.28 5.34 1.19
CA GLU A 605 -34.61 5.89 0.86
C GLU A 605 -34.72 7.34 1.34
N ARG A 606 -34.36 7.60 2.61
CA ARG A 606 -34.42 8.97 3.11
C ARG A 606 -33.48 9.88 2.31
N LEU A 607 -32.32 9.39 1.89
CA LEU A 607 -31.32 10.23 1.22
C LEU A 607 -31.87 10.69 -0.14
N GLN A 608 -32.61 9.80 -0.78
N GLN A 608 -32.93 10.05 -0.61
CA GLN A 608 -33.10 10.05 -2.12
CA GLN A 608 -33.67 10.55 -1.79
C GLN A 608 -34.41 10.86 -2.01
C GLN A 608 -35.08 11.04 -1.40
N ASP A 609 -35.12 10.65 -0.89
N ASP A 609 -35.23 11.83 -0.33
CA ASP A 609 -36.45 11.23 -0.60
CA ASP A 609 -36.54 12.34 0.04
C ASP A 609 -36.51 12.45 0.32
C ASP A 609 -36.51 13.75 0.66
N PHE A 610 -35.42 12.80 1.00
N PHE A 610 -35.35 14.41 0.53
CA PHE A 610 -35.47 13.91 1.96
CA PHE A 610 -35.16 15.70 1.19
C PHE A 610 -35.69 15.22 1.23
C PHE A 610 -34.63 16.71 0.16
N ASP A 611 -36.16 16.21 1.98
N ASP A 611 -33.82 16.16 -0.75
CA ASP A 611 -36.41 17.54 1.45
CA ASP A 611 -33.02 16.85 -1.77
C ASP A 611 -35.12 18.18 0.98
C ASP A 611 -33.18 18.33 -2.01
N LYS A 612 -35.01 18.38 -0.33
N LYS A 612 -33.03 19.14 -0.96
CA LYS A 612 -33.75 18.65 -0.97
CA LYS A 612 -33.20 20.55 -1.20
C LYS A 612 -33.38 20.11 -0.76
C LYS A 612 -32.01 21.33 -0.63
N SER A 613 -34.34 20.91 -0.26
N SER A 613 -32.29 22.60 -0.51
CA SER A 613 -34.12 22.32 -0.02
CA SER A 613 -31.37 23.59 -0.12
C SER A 613 -33.54 22.54 1.39
C SER A 613 -31.71 23.97 1.31
N ASN A 614 -33.40 21.49 2.19
N ASN A 614 -32.04 22.96 2.11
CA ASN A 614 -33.02 21.64 3.61
CA ASN A 614 -32.07 23.10 3.55
C ASN A 614 -31.53 21.29 3.79
C ASN A 614 -30.66 22.81 4.07
N PRO A 615 -30.68 22.32 3.99
N PRO A 615 -29.86 23.86 4.28
CA PRO A 615 -29.25 22.11 4.03
CA PRO A 615 -28.44 23.70 4.55
C PRO A 615 -28.82 21.41 5.33
C PRO A 615 -28.13 22.79 5.75
N ILE A 616 -29.64 21.51 6.40
N ILE A 616 -28.90 22.87 6.83
CA ILE A 616 -29.30 20.86 7.67
CA ILE A 616 -28.57 22.06 8.02
C ILE A 616 -29.57 19.35 7.56
C ILE A 616 -28.99 20.61 7.79
N VAL A 617 -30.70 18.98 6.95
N VAL A 617 -30.10 20.41 7.09
CA VAL A 617 -30.98 17.57 6.72
CA VAL A 617 -30.56 19.05 6.84
C VAL A 617 -29.88 17.01 5.80
C VAL A 617 -29.58 18.34 5.90
N LEU A 618 -29.48 17.83 4.83
N LEU A 618 -29.09 19.04 4.88
CA LEU A 618 -28.32 17.49 3.97
CA LEU A 618 -28.24 18.38 3.87
C LEU A 618 -26.99 17.53 4.75
C LEU A 618 -27.07 17.74 4.61
N ARG A 619 -26.60 18.56 5.51
CA ARG A 619 -25.37 18.43 6.31
C ARG A 619 -25.49 17.22 7.23
N MET A 620 -26.64 17.06 7.90
N MET A 620 -26.64 17.02 7.86
CA MET A 620 -26.91 15.87 8.74
CA MET A 620 -26.82 15.87 8.78
C MET A 620 -26.62 14.59 7.97
C MET A 620 -26.72 14.53 8.03
N MET A 621 -27.24 14.41 6.80
CA MET A 621 -27.14 13.13 6.13
C MET A 621 -25.74 12.98 5.50
N ASN A 622 -25.11 14.09 5.10
CA ASN A 622 -23.69 14.04 4.61
C ASN A 622 -22.77 13.66 5.79
N ASP A 623 -23.05 14.18 6.98
CA ASP A 623 -22.28 13.74 8.16
C ASP A 623 -22.48 12.25 8.47
N GLN A 624 -23.71 11.75 8.32
CA GLN A 624 -23.94 10.32 8.50
C GLN A 624 -23.10 9.54 7.48
N LEU A 625 -23.03 10.02 6.24
CA LEU A 625 -22.23 9.32 5.19
C LEU A 625 -20.71 9.40 5.51
N MET A 626 -20.26 10.57 5.91
CA MET A 626 -18.83 10.79 6.22
C MET A 626 -18.41 9.93 7.43
N PHE A 627 -19.28 9.87 8.43
CA PHE A 627 -18.87 9.17 9.69
C PHE A 627 -19.14 7.66 9.62
N LEU A 628 -19.67 7.14 8.51
CA LEU A 628 -19.94 5.72 8.43
C LEU A 628 -18.63 4.92 8.42
N GLU A 629 -17.67 5.30 7.58
CA GLU A 629 -16.37 4.62 7.63
C GLU A 629 -15.77 4.76 9.05
N ARG A 630 -15.97 5.93 9.65
CA ARG A 630 -15.40 6.24 10.97
C ARG A 630 -15.97 5.28 12.02
N ALA A 631 -17.22 4.82 11.82
CA ALA A 631 -17.86 4.00 12.82
C ALA A 631 -17.22 2.61 12.92
N PHE A 632 -16.43 2.19 11.92
CA PHE A 632 -15.84 0.88 12.00
C PHE A 632 -14.53 0.92 12.80
N ILE A 633 -14.12 2.08 13.26
CA ILE A 633 -12.92 2.24 14.13
C ILE A 633 -13.25 1.77 15.56
N ASP A 634 -12.37 0.95 16.12
CA ASP A 634 -12.43 0.58 17.56
C ASP A 634 -11.29 1.34 18.23
N PRO A 635 -11.60 2.21 19.20
CA PRO A 635 -10.54 3.01 19.80
C PRO A 635 -9.52 2.13 20.56
N LEU A 636 -9.84 0.86 20.82
CA LEU A 636 -8.85 0.01 21.54
C LEU A 636 -7.91 -0.70 20.55
N GLY A 637 -8.16 -0.52 19.25
CA GLY A 637 -7.33 -1.17 18.21
C GLY A 637 -7.51 -2.68 18.16
N LEU A 638 -6.73 -3.34 17.33
CA LEU A 638 -6.70 -4.82 17.30
C LEU A 638 -5.61 -5.34 18.26
N PRO A 639 -5.69 -6.62 18.66
CA PRO A 639 -4.73 -7.16 19.66
C PRO A 639 -3.25 -6.92 19.30
N ASP A 640 -2.55 -6.23 20.20
CA ASP A 640 -1.13 -5.90 20.02
C ASP A 640 -0.84 -5.04 18.80
N ARG A 641 -1.89 -4.49 18.17
CA ARG A 641 -1.71 -3.60 17.00
C ARG A 641 -2.60 -2.36 17.19
N PRO A 642 -2.19 -1.46 18.10
CA PRO A 642 -3.03 -0.34 18.54
C PRO A 642 -3.34 0.65 17.42
N PHE A 643 -2.54 0.67 16.37
CA PHE A 643 -2.75 1.64 15.28
C PHE A 643 -3.52 1.02 14.10
N TYR A 644 -3.88 -0.25 14.22
CA TYR A 644 -4.83 -0.80 13.26
C TYR A 644 -6.18 -0.90 13.99
N ARG A 645 -7.07 0.03 13.66
CA ARG A 645 -8.25 0.20 14.49
C ARG A 645 -9.54 -0.13 13.72
N HIS A 646 -9.42 -0.33 12.43
CA HIS A 646 -10.63 -0.63 11.62
C HIS A 646 -10.98 -2.10 11.85
N VAL A 647 -12.22 -2.37 12.24
CA VAL A 647 -12.61 -3.73 12.65
C VAL A 647 -12.90 -4.59 11.40
N ILE A 648 -13.23 -3.97 10.28
CA ILE A 648 -13.55 -4.73 9.04
C ILE A 648 -12.28 -5.06 8.26
N TYR A 649 -11.36 -4.09 8.16
CA TYR A 649 -10.20 -4.23 7.30
C TYR A 649 -8.93 -3.99 8.14
N ALA A 650 -7.99 -4.92 8.10
CA ALA A 650 -6.63 -4.63 8.56
C ALA A 650 -5.66 -5.20 7.54
N PRO A 651 -4.43 -4.71 7.53
CA PRO A 651 -3.40 -5.39 6.70
C PRO A 651 -3.22 -6.82 7.25
N SER A 652 -3.09 -7.81 6.37
CA SER A 652 -2.85 -9.18 6.81
C SER A 652 -1.65 -9.24 7.77
N SER A 653 -1.79 -9.94 8.91
CA SER A 653 -0.64 -10.15 9.83
C SER A 653 0.45 -11.00 9.16
N HIS A 654 0.16 -11.59 8.00
CA HIS A 654 1.14 -12.44 7.29
C HIS A 654 1.70 -11.73 6.05
N ASN A 655 1.12 -10.60 5.69
CA ASN A 655 1.48 -9.93 4.44
C ASN A 655 0.85 -8.53 4.46
N LYS A 656 1.65 -7.53 4.83
CA LYS A 656 1.15 -6.15 4.97
C LYS A 656 0.46 -5.65 3.69
N TYR A 657 0.85 -6.17 2.52
CA TYR A 657 0.29 -5.64 1.27
C TYR A 657 -1.18 -6.06 1.08
N ALA A 658 -1.56 -7.21 1.66
CA ALA A 658 -2.87 -7.80 1.44
C ALA A 658 -3.85 -7.29 2.50
N GLY A 659 -5.10 -7.05 2.10
CA GLY A 659 -6.10 -6.76 3.12
C GLY A 659 -6.68 -8.04 3.69
N GLU A 660 -7.05 -8.02 4.98
CA GLU A 660 -7.79 -9.13 5.57
C GLU A 660 -9.12 -8.60 6.10
N SER A 661 -10.23 -9.33 5.88
N SER A 661 -10.23 -9.34 5.91
CA SER A 661 -11.53 -8.92 6.43
CA SER A 661 -11.51 -8.89 6.47
C SER A 661 -11.76 -9.58 7.80
C SER A 661 -11.85 -9.62 7.77
N PHE A 662 -12.51 -8.88 8.67
CA PHE A 662 -12.72 -9.32 10.06
C PHE A 662 -11.39 -9.85 10.64
N PRO A 663 -10.34 -9.00 10.57
CA PRO A 663 -9.01 -9.41 10.95
C PRO A 663 -8.90 -9.94 12.38
N GLY A 664 -9.69 -9.37 13.29
CA GLY A 664 -9.62 -9.82 14.69
C GLY A 664 -10.04 -11.28 14.82
N ILE A 665 -11.15 -11.63 14.14
CA ILE A 665 -11.63 -13.03 14.20
C ILE A 665 -10.66 -13.90 13.39
N TYR A 666 -10.22 -13.41 12.23
CA TYR A 666 -9.32 -14.18 11.37
C TYR A 666 -8.06 -14.59 12.15
N ASP A 667 -7.38 -13.65 12.79
CA ASP A 667 -6.17 -13.97 13.53
C ASP A 667 -6.45 -14.88 14.73
N ALA A 668 -7.61 -14.72 15.38
CA ALA A 668 -7.95 -15.62 16.50
C ALA A 668 -8.10 -17.08 16.00
N LEU A 669 -8.57 -17.24 14.78
CA LEU A 669 -8.79 -18.60 14.19
C LEU A 669 -7.52 -19.17 13.55
N PHE A 670 -6.57 -18.31 13.17
CA PHE A 670 -5.45 -18.79 12.36
C PHE A 670 -4.61 -19.79 13.15
N ASP A 671 -4.38 -20.96 12.55
CA ASP A 671 -3.56 -22.02 13.15
C ASP A 671 -4.05 -22.41 14.56
N ILE A 672 -5.36 -22.32 14.80
CA ILE A 672 -5.90 -22.51 16.15
C ILE A 672 -5.69 -23.96 16.62
N GLU A 673 -5.66 -24.90 15.66
CA GLU A 673 -5.54 -26.33 15.98
C GLU A 673 -4.16 -26.61 16.62
N SER A 674 -3.24 -25.65 16.53
CA SER A 674 -1.89 -25.78 17.09
C SER A 674 -1.80 -25.19 18.49
N LYS A 675 -2.84 -24.48 18.95
CA LYS A 675 -2.77 -23.82 20.27
C LYS A 675 -2.83 -24.86 21.38
N VAL A 676 -2.06 -24.63 22.45
CA VAL A 676 -1.92 -25.63 23.53
C VAL A 676 -3.17 -25.60 24.42
N ASP A 677 -3.78 -24.43 24.56
CA ASP A 677 -4.96 -24.28 25.42
C ASP A 677 -6.19 -23.91 24.56
N PRO A 678 -6.87 -24.92 23.99
CA PRO A 678 -8.00 -24.66 23.08
C PRO A 678 -9.15 -23.86 23.72
N SER A 679 -9.40 -24.09 25.00
CA SER A 679 -10.46 -23.35 25.69
C SER A 679 -10.19 -21.84 25.60
N LYS A 680 -8.95 -21.46 25.91
CA LYS A 680 -8.54 -20.06 25.88
C LYS A 680 -8.58 -19.54 24.43
N ALA A 681 -8.14 -20.36 23.48
CA ALA A 681 -8.06 -19.93 22.08
C ALA A 681 -9.47 -19.68 21.54
N TRP A 682 -10.40 -20.59 21.84
CA TRP A 682 -11.74 -20.44 21.28
C TRP A 682 -12.51 -19.36 22.05
N GLY A 683 -12.16 -19.15 23.31
CA GLY A 683 -12.67 -18.00 24.08
C GLY A 683 -12.35 -16.69 23.37
N GLU A 684 -11.15 -16.61 22.81
CA GLU A 684 -10.72 -15.37 22.17
C GLU A 684 -11.40 -15.26 20.80
N VAL A 685 -11.66 -16.38 20.13
CA VAL A 685 -12.48 -16.32 18.92
C VAL A 685 -13.84 -15.70 19.27
N LYS A 686 -14.47 -16.20 20.33
CA LYS A 686 -15.79 -15.69 20.73
C LYS A 686 -15.70 -14.20 21.09
N ARG A 687 -14.62 -13.79 21.75
CA ARG A 687 -14.48 -12.38 22.07
C ARG A 687 -14.44 -11.54 20.79
N GLN A 688 -13.69 -11.99 19.79
CA GLN A 688 -13.57 -11.25 18.51
C GLN A 688 -14.91 -11.24 17.76
N ILE A 689 -15.70 -12.32 17.86
CA ILE A 689 -17.03 -12.30 17.23
C ILE A 689 -17.89 -11.20 17.87
N TYR A 690 -17.89 -11.13 19.21
CA TYR A 690 -18.62 -10.11 19.98
C TYR A 690 -18.16 -8.71 19.54
N VAL A 691 -16.86 -8.49 19.48
CA VAL A 691 -16.38 -7.15 19.10
C VAL A 691 -16.84 -6.79 17.67
N ALA A 692 -16.73 -7.74 16.74
CA ALA A 692 -17.12 -7.48 15.35
C ALA A 692 -18.63 -7.23 15.24
N ALA A 693 -19.43 -8.09 15.89
CA ALA A 693 -20.90 -7.94 15.84
C ALA A 693 -21.32 -6.59 16.45
N PHE A 694 -20.73 -6.24 17.60
CA PHE A 694 -21.03 -4.96 18.20
C PHE A 694 -20.66 -3.83 17.24
N THR A 695 -19.47 -3.90 16.62
CA THR A 695 -19.02 -2.74 15.84
C THR A 695 -19.92 -2.59 14.60
N VAL A 696 -20.31 -3.71 14.00
CA VAL A 696 -21.20 -3.65 12.81
C VAL A 696 -22.55 -3.04 13.20
N GLN A 697 -23.11 -3.47 14.34
CA GLN A 697 -24.41 -2.92 14.81
C GLN A 697 -24.27 -1.42 15.11
N ALA A 698 -23.14 -1.04 15.74
CA ALA A 698 -22.94 0.34 16.11
C ALA A 698 -22.82 1.19 14.85
N ALA A 699 -22.11 0.69 13.83
CA ALA A 699 -22.00 1.41 12.56
C ALA A 699 -23.39 1.54 11.91
N ALA A 700 -24.16 0.45 11.90
CA ALA A 700 -25.55 0.49 11.38
C ALA A 700 -26.34 1.59 12.08
N GLU A 701 -26.22 1.68 13.42
CA GLU A 701 -27.03 2.64 14.17
C GLU A 701 -26.67 4.09 13.87
N THR A 702 -25.49 4.36 13.27
CA THR A 702 -25.16 5.73 12.90
C THR A 702 -26.00 6.17 11.70
N LEU A 703 -26.63 5.21 11.03
CA LEU A 703 -27.45 5.53 9.84
C LEU A 703 -28.93 5.55 10.22
N SER A 704 -29.26 5.14 11.45
CA SER A 704 -30.66 5.29 11.93
C SER A 704 -31.04 6.76 11.95
N GLU A 705 -32.36 7.05 12.01
CA GLU A 705 -32.76 8.42 12.28
C GLU A 705 -32.14 8.88 13.61
N VAL A 706 -31.70 10.13 13.62
CA VAL A 706 -30.75 10.62 14.64
C VAL A 706 -31.49 10.88 15.97
N ALA A 707 -32.81 11.02 15.91
CA ALA A 707 -33.61 11.34 17.11
C ALA A 707 -35.07 11.05 16.80
#